data_1GSF
#
_entry.id   1GSF
#
_cell.length_a   101.800
_cell.length_b   95.600
_cell.length_c   105.300
_cell.angle_alpha   90.00
_cell.angle_beta   92.20
_cell.angle_gamma   90.00
#
_symmetry.space_group_name_H-M   'C 1 2 1'
#
loop_
_entity.id
_entity.type
_entity.pdbx_description
1 polymer 'GLUTATHIONE TRANSFERASE A1-1'
2 non-polymer 'ETHACRYNIC ACID'
3 water water
#
_entity_poly.entity_id   1
_entity_poly.type   'polypeptide(L)'
_entity_poly.pdbx_seq_one_letter_code
;AEKPKLHYFNARGRMESTRWLLAAAGVEFEEKFIKSAEDLDKLRNDGYLMFQQVPMVEIDGMKLVQTRAILNYIASKYNL
YGKDIKERALIDMYIEGIADLGEMILLLPVCPPEEKDAKLALIKEKIKNRYFPAFEKVLKSHGQDYLVGNKLSRADIHLV
ELLYYVEELDSSLISSFPLLKALKTRISNLPTVKKFLQPGSPRKPPMDEKSLEEARKIFRF
;
_entity_poly.pdbx_strand_id   A,B,C,D
#
# COMPACT_ATOMS: atom_id res chain seq x y z
N ALA A 1 -20.62 -44.09 8.87
CA ALA A 1 -19.81 -45.25 9.40
C ALA A 1 -19.21 -44.95 10.77
N GLU A 2 -18.45 -45.91 11.30
CA GLU A 2 -17.81 -45.75 12.60
C GLU A 2 -16.36 -45.33 12.43
N LYS A 3 -15.86 -45.33 11.20
CA LYS A 3 -14.50 -44.91 10.94
C LYS A 3 -14.50 -43.52 10.34
N PRO A 4 -13.58 -42.67 10.79
CA PRO A 4 -13.44 -41.29 10.33
C PRO A 4 -13.06 -41.29 8.84
N LYS A 5 -13.76 -40.49 8.05
CA LYS A 5 -13.47 -40.37 6.62
C LYS A 5 -12.74 -39.05 6.42
N LEU A 6 -11.50 -39.09 5.95
CA LEU A 6 -10.76 -37.87 5.72
C LEU A 6 -10.87 -37.48 4.26
N HIS A 7 -11.41 -36.29 3.97
CA HIS A 7 -11.54 -35.85 2.59
C HIS A 7 -10.45 -34.86 2.21
N TYR A 8 -9.59 -35.24 1.27
CA TYR A 8 -8.52 -34.37 0.83
C TYR A 8 -7.92 -34.88 -0.47
N PHE A 9 -6.89 -34.18 -0.94
CA PHE A 9 -6.16 -34.53 -2.14
C PHE A 9 -5.24 -35.67 -1.70
N ASN A 10 -4.77 -36.49 -2.63
CA ASN A 10 -3.89 -37.57 -2.25
C ASN A 10 -2.51 -36.98 -2.07
N ALA A 11 -2.32 -36.30 -0.95
CA ALA A 11 -1.03 -35.68 -0.67
C ALA A 11 -0.87 -35.27 0.78
N ARG A 12 0.35 -34.86 1.12
CA ARG A 12 0.68 -34.41 2.46
C ARG A 12 -0.22 -33.22 2.74
N GLY A 13 0.12 -32.06 2.16
CA GLY A 13 -0.69 -30.87 2.34
C GLY A 13 -1.05 -30.53 3.76
N ARG A 14 -2.31 -30.13 3.95
CA ARG A 14 -2.85 -29.73 5.25
C ARG A 14 -3.49 -30.84 6.08
N MET A 15 -3.59 -32.04 5.50
CA MET A 15 -4.20 -33.18 6.18
C MET A 15 -3.19 -34.11 6.83
N GLU A 16 -1.92 -34.03 6.46
CA GLU A 16 -0.94 -34.94 7.03
C GLU A 16 -0.87 -35.02 8.53
N SER A 17 -0.84 -33.90 9.24
CA SER A 17 -0.76 -33.96 10.70
C SER A 17 -1.96 -34.63 11.33
N THR A 18 -3.11 -34.59 10.66
CA THR A 18 -4.30 -35.27 11.18
C THR A 18 -4.03 -36.76 11.06
N ARG A 19 -3.41 -37.15 9.95
CA ARG A 19 -3.07 -38.55 9.73
C ARG A 19 -2.11 -39.03 10.79
N TRP A 20 -1.09 -38.26 11.11
CA TRP A 20 -0.15 -38.70 12.12
C TRP A 20 -0.81 -38.82 13.48
N LEU A 21 -1.78 -37.96 13.79
CA LEU A 21 -2.42 -38.00 15.11
C LEU A 21 -3.35 -39.19 15.24
N LEU A 22 -4.19 -39.41 14.24
CA LEU A 22 -5.12 -40.53 14.28
C LEU A 22 -4.35 -41.84 14.41
N ALA A 23 -3.34 -42.03 13.55
CA ALA A 23 -2.50 -43.22 13.58
C ALA A 23 -1.78 -43.37 14.90
N ALA A 24 -1.16 -42.32 15.39
CA ALA A 24 -0.49 -42.40 16.67
C ALA A 24 -1.50 -42.74 17.75
N ALA A 25 -2.75 -42.36 17.54
CA ALA A 25 -3.78 -42.66 18.52
C ALA A 25 -4.26 -44.08 18.38
N GLY A 26 -3.93 -44.71 17.25
CA GLY A 26 -4.34 -46.08 17.00
C GLY A 26 -5.72 -46.19 16.41
N VAL A 27 -6.18 -45.13 15.76
CA VAL A 27 -7.50 -45.10 15.16
C VAL A 27 -7.41 -45.41 13.67
N GLU A 28 -8.30 -46.26 13.18
CA GLU A 28 -8.29 -46.60 11.76
C GLU A 28 -9.17 -45.60 11.06
N PHE A 29 -8.75 -45.15 9.88
CA PHE A 29 -9.56 -44.18 9.15
C PHE A 29 -9.62 -44.47 7.67
N GLU A 30 -10.65 -43.95 7.02
CA GLU A 30 -10.83 -44.10 5.59
C GLU A 30 -10.44 -42.77 4.95
N GLU A 31 -9.98 -42.83 3.70
CA GLU A 31 -9.60 -41.63 3.00
C GLU A 31 -10.37 -41.54 1.71
N LYS A 32 -11.09 -40.45 1.52
CA LYS A 32 -11.83 -40.25 0.29
C LYS A 32 -11.15 -39.16 -0.51
N PHE A 33 -10.22 -39.56 -1.37
CA PHE A 33 -9.43 -38.65 -2.17
C PHE A 33 -10.19 -37.81 -3.17
N ILE A 34 -9.71 -36.59 -3.36
CA ILE A 34 -10.32 -35.67 -4.29
C ILE A 34 -9.46 -35.74 -5.54
N LYS A 35 -9.98 -36.44 -6.55
CA LYS A 35 -9.28 -36.64 -7.81
C LYS A 35 -9.39 -35.47 -8.77
N SER A 36 -10.53 -34.79 -8.75
CA SER A 36 -10.77 -33.67 -9.67
C SER A 36 -11.61 -32.56 -9.08
N ALA A 37 -11.56 -31.40 -9.71
CA ALA A 37 -12.34 -30.26 -9.28
C ALA A 37 -13.83 -30.59 -9.25
N GLU A 38 -14.25 -31.57 -10.06
CA GLU A 38 -15.65 -31.96 -10.06
C GLU A 38 -15.98 -32.53 -8.68
N ASP A 39 -15.03 -33.26 -8.11
CA ASP A 39 -15.20 -33.87 -6.79
C ASP A 39 -15.36 -32.80 -5.73
N LEU A 40 -14.47 -31.82 -5.76
CA LEU A 40 -14.47 -30.71 -4.80
C LEU A 40 -15.76 -29.89 -4.88
N ASP A 41 -16.30 -29.75 -6.08
CA ASP A 41 -17.54 -29.00 -6.27
C ASP A 41 -18.72 -29.80 -5.74
N LYS A 42 -18.67 -31.11 -5.94
CA LYS A 42 -19.73 -31.98 -5.45
C LYS A 42 -19.89 -31.79 -3.95
N LEU A 43 -18.76 -31.77 -3.22
CA LEU A 43 -18.75 -31.58 -1.77
C LEU A 43 -19.33 -30.22 -1.41
N ARG A 44 -18.81 -29.18 -2.05
CA ARG A 44 -19.27 -27.81 -1.82
C ARG A 44 -20.77 -27.71 -2.03
N ASN A 45 -21.24 -28.26 -3.13
CA ASN A 45 -22.66 -28.20 -3.45
C ASN A 45 -23.48 -29.08 -2.53
N ASP A 46 -22.88 -30.14 -2.02
CA ASP A 46 -23.57 -31.04 -1.10
C ASP A 46 -23.70 -30.39 0.26
N GLY A 47 -22.90 -29.34 0.48
CA GLY A 47 -22.93 -28.62 1.73
C GLY A 47 -22.13 -29.28 2.84
N TYR A 48 -21.03 -29.95 2.48
CA TYR A 48 -20.21 -30.62 3.46
C TYR A 48 -19.06 -29.77 3.96
N LEU A 49 -18.80 -28.68 3.26
CA LEU A 49 -17.71 -27.78 3.62
C LEU A 49 -18.22 -26.40 4.05
N MET A 50 -18.19 -26.11 5.34
CA MET A 50 -18.68 -24.83 5.85
C MET A 50 -18.09 -23.61 5.19
N PHE A 51 -16.77 -23.61 5.00
CA PHE A 51 -16.09 -22.49 4.39
C PHE A 51 -15.60 -22.77 2.99
N GLN A 52 -16.27 -23.72 2.33
CA GLN A 52 -15.96 -24.10 0.95
C GLN A 52 -14.66 -24.84 0.72
N GLN A 53 -13.85 -25.05 1.76
CA GLN A 53 -12.55 -25.70 1.59
C GLN A 53 -12.41 -27.03 2.30
N VAL A 54 -11.26 -27.68 2.06
CA VAL A 54 -10.89 -28.93 2.70
C VAL A 54 -9.55 -28.60 3.34
N PRO A 55 -9.03 -29.45 4.23
CA PRO A 55 -9.51 -30.72 4.74
C PRO A 55 -10.87 -30.67 5.37
N MET A 56 -11.53 -31.81 5.36
CA MET A 56 -12.84 -31.96 5.97
C MET A 56 -12.72 -33.33 6.60
N VAL A 57 -13.32 -33.57 7.75
CA VAL A 57 -13.17 -34.87 8.40
C VAL A 57 -14.46 -35.29 9.06
N GLU A 58 -15.15 -36.25 8.45
CA GLU A 58 -16.38 -36.77 9.00
C GLU A 58 -15.99 -37.62 10.19
N ILE A 59 -16.35 -37.17 11.38
CA ILE A 59 -16.07 -37.89 12.61
C ILE A 59 -17.16 -37.60 13.61
N ASP A 60 -17.61 -38.64 14.29
CA ASP A 60 -18.65 -38.55 15.30
C ASP A 60 -19.90 -37.81 14.86
N GLY A 61 -20.25 -37.96 13.58
CA GLY A 61 -21.45 -37.32 13.08
C GLY A 61 -21.32 -35.88 12.66
N MET A 62 -20.12 -35.33 12.83
CA MET A 62 -19.86 -33.95 12.45
C MET A 62 -19.02 -33.88 11.19
N LYS A 63 -19.15 -32.79 10.45
CA LYS A 63 -18.37 -32.56 9.26
C LYS A 63 -17.47 -31.37 9.62
N LEU A 64 -16.35 -31.69 10.25
CA LEU A 64 -15.40 -30.70 10.73
C LEU A 64 -14.50 -30.16 9.64
N VAL A 65 -14.30 -28.84 9.59
CA VAL A 65 -13.39 -28.23 8.66
C VAL A 65 -12.46 -27.39 9.48
N GLN A 66 -11.42 -26.87 8.86
CA GLN A 66 -10.39 -26.09 9.55
C GLN A 66 -9.49 -27.06 10.31
N THR A 67 -8.25 -27.19 9.88
CA THR A 67 -7.26 -28.08 10.47
C THR A 67 -7.23 -28.09 11.99
N ARG A 68 -7.11 -26.92 12.62
CA ARG A 68 -7.05 -26.86 14.08
C ARG A 68 -8.31 -27.30 14.80
N ALA A 69 -9.48 -27.16 14.17
CA ALA A 69 -10.68 -27.59 14.84
C ALA A 69 -10.67 -29.11 14.87
N ILE A 70 -10.20 -29.71 13.77
CA ILE A 70 -10.10 -31.17 13.58
C ILE A 70 -9.10 -31.74 14.59
N LEU A 71 -7.87 -31.24 14.57
CA LEU A 71 -6.83 -31.71 15.48
C LEU A 71 -7.21 -31.58 16.93
N ASN A 72 -7.95 -30.53 17.27
CA ASN A 72 -8.33 -30.27 18.64
C ASN A 72 -9.33 -31.30 19.13
N TYR A 73 -10.29 -31.63 18.27
CA TYR A 73 -11.29 -32.61 18.62
C TYR A 73 -10.63 -33.97 18.83
N ILE A 74 -9.89 -34.43 17.82
CA ILE A 74 -9.18 -35.70 17.88
C ILE A 74 -8.31 -35.75 19.11
N ALA A 75 -7.41 -34.80 19.27
CA ALA A 75 -6.55 -34.79 20.45
C ALA A 75 -7.30 -34.89 21.78
N SER A 76 -8.48 -34.28 21.86
CA SER A 76 -9.24 -34.32 23.10
C SER A 76 -9.88 -35.67 23.25
N LYS A 77 -10.55 -36.10 22.21
CA LYS A 77 -11.23 -37.37 22.23
C LYS A 77 -10.37 -38.56 22.61
N TYR A 78 -9.08 -38.53 22.26
CA TYR A 78 -8.20 -39.64 22.55
C TYR A 78 -7.19 -39.37 23.64
N ASN A 79 -7.54 -38.49 24.57
CA ASN A 79 -6.68 -38.15 25.69
C ASN A 79 -5.24 -37.78 25.39
N LEU A 80 -5.05 -37.07 24.28
CA LEU A 80 -3.72 -36.62 23.88
C LEU A 80 -3.56 -35.11 24.08
N TYR A 81 -4.47 -34.49 24.83
CA TYR A 81 -4.41 -33.06 25.03
C TYR A 81 -4.09 -32.62 26.45
N GLY A 82 -3.30 -33.39 27.18
CA GLY A 82 -2.94 -33.02 28.56
C GLY A 82 -4.04 -33.30 29.58
N LYS A 83 -3.72 -33.19 30.86
CA LYS A 83 -4.73 -33.48 31.88
C LYS A 83 -5.60 -32.29 32.27
N ASP A 84 -4.98 -31.14 32.45
CA ASP A 84 -5.72 -29.96 32.82
C ASP A 84 -5.53 -28.78 31.89
N ILE A 85 -6.16 -27.67 32.25
CA ILE A 85 -6.15 -26.42 31.52
C ILE A 85 -4.74 -25.83 31.45
N LYS A 86 -3.94 -26.03 32.47
CA LYS A 86 -2.58 -25.49 32.45
C LYS A 86 -1.65 -26.30 31.59
N GLU A 87 -1.93 -27.59 31.45
CA GLU A 87 -1.10 -28.45 30.61
C GLU A 87 -1.42 -28.14 29.17
N ARG A 88 -2.72 -27.95 28.88
N ARG A 88 -2.71 -27.94 28.88
CA ARG A 88 -3.15 -27.61 27.54
CA ARG A 88 -3.18 -27.63 27.54
C ARG A 88 -2.55 -26.30 27.04
C ARG A 88 -2.60 -26.29 27.06
N ALA A 89 -2.16 -25.45 27.99
CA ALA A 89 -1.57 -24.15 27.67
C ALA A 89 -0.16 -24.32 27.19
N LEU A 90 0.57 -25.26 27.79
CA LEU A 90 1.95 -25.54 27.38
C LEU A 90 1.96 -26.27 26.03
N ILE A 91 1.04 -27.21 25.89
CA ILE A 91 0.90 -27.96 24.66
C ILE A 91 0.60 -26.98 23.54
N ASP A 92 -0.45 -26.17 23.69
CA ASP A 92 -0.80 -25.16 22.68
C ASP A 92 0.32 -24.22 22.32
N MET A 93 1.11 -23.83 23.30
CA MET A 93 2.22 -22.91 23.07
C MET A 93 3.32 -23.58 22.26
N TYR A 94 3.56 -24.87 22.50
CA TYR A 94 4.57 -25.66 21.82
C TYR A 94 4.13 -26.00 20.40
N ILE A 95 2.92 -26.50 20.25
CA ILE A 95 2.43 -26.89 18.95
C ILE A 95 2.11 -25.76 17.99
N GLU A 96 1.93 -24.55 18.50
CA GLU A 96 1.65 -23.41 17.61
C GLU A 96 3.01 -22.93 17.10
N GLY A 97 4.05 -23.15 17.88
CA GLY A 97 5.38 -22.77 17.42
C GLY A 97 5.78 -23.77 16.34
N ILE A 98 5.44 -25.03 16.57
CA ILE A 98 5.70 -26.09 15.65
C ILE A 98 4.90 -25.82 14.40
N ALA A 99 3.64 -25.42 14.55
CA ALA A 99 2.85 -25.14 13.37
C ALA A 99 3.38 -23.95 12.57
N ASP A 100 4.03 -23.00 13.23
CA ASP A 100 4.57 -21.86 12.51
C ASP A 100 5.71 -22.31 11.60
N LEU A 101 6.71 -22.96 12.20
CA LEU A 101 7.86 -23.46 11.47
C LEU A 101 7.39 -24.37 10.37
N GLY A 102 6.42 -25.21 10.69
CA GLY A 102 5.89 -26.13 9.72
C GLY A 102 5.20 -25.49 8.54
N GLU A 103 4.60 -24.32 8.73
CA GLU A 103 3.89 -23.64 7.64
C GLU A 103 4.90 -23.09 6.65
N MET A 104 6.10 -22.79 7.12
CA MET A 104 7.14 -22.27 6.25
C MET A 104 7.65 -23.41 5.35
N ILE A 105 7.94 -24.53 5.96
CA ILE A 105 8.42 -25.71 5.24
C ILE A 105 7.36 -26.18 4.24
N LEU A 106 6.11 -26.08 4.61
CA LEU A 106 5.01 -26.52 3.75
C LEU A 106 4.88 -25.70 2.47
N LEU A 107 5.12 -24.42 2.55
CA LEU A 107 4.96 -23.55 1.40
C LEU A 107 6.19 -23.45 0.50
N LEU A 108 7.31 -23.98 0.98
CA LEU A 108 8.57 -23.95 0.24
C LEU A 108 8.43 -24.39 -1.22
N PRO A 109 7.65 -25.44 -1.50
CA PRO A 109 7.48 -25.92 -2.87
C PRO A 109 6.88 -24.88 -3.82
N VAL A 110 5.94 -24.09 -3.32
CA VAL A 110 5.29 -23.09 -4.13
C VAL A 110 5.97 -21.72 -3.98
N CYS A 111 7.19 -21.72 -3.49
CA CYS A 111 7.93 -20.48 -3.32
C CYS A 111 8.56 -20.01 -4.64
N PRO A 112 8.54 -18.69 -4.91
CA PRO A 112 9.12 -18.10 -6.14
C PRO A 112 10.60 -18.43 -6.22
N PRO A 113 11.01 -19.09 -7.32
CA PRO A 113 12.37 -19.55 -7.66
C PRO A 113 13.53 -18.63 -7.28
N GLU A 114 13.30 -17.33 -7.39
CA GLU A 114 14.33 -16.36 -7.04
C GLU A 114 14.48 -16.30 -5.52
N GLU A 115 13.37 -16.57 -4.82
CA GLU A 115 13.35 -16.57 -3.37
C GLU A 115 13.78 -17.88 -2.73
N LYS A 116 13.40 -19.00 -3.35
CA LYS A 116 13.70 -20.33 -2.82
C LYS A 116 15.00 -20.54 -2.06
N ASP A 117 16.09 -19.89 -2.45
CA ASP A 117 17.33 -20.07 -1.72
C ASP A 117 17.40 -19.31 -0.42
N ALA A 118 16.70 -18.17 -0.39
CA ALA A 118 16.64 -17.31 0.79
C ALA A 118 15.62 -17.80 1.81
N LYS A 119 14.48 -18.28 1.31
CA LYS A 119 13.44 -18.80 2.19
C LYS A 119 14.01 -20.02 2.87
N LEU A 120 14.68 -20.85 2.08
CA LEU A 120 15.29 -22.07 2.60
C LEU A 120 16.38 -21.78 3.59
N ALA A 121 17.06 -20.65 3.41
CA ALA A 121 18.13 -20.26 4.32
C ALA A 121 17.58 -19.60 5.57
N LEU A 122 16.40 -19.01 5.42
CA LEU A 122 15.72 -18.35 6.51
C LEU A 122 15.24 -19.45 7.45
N ILE A 123 14.60 -20.44 6.84
CA ILE A 123 14.05 -21.58 7.54
C ILE A 123 15.12 -22.38 8.29
N LYS A 124 16.30 -22.52 7.70
CA LYS A 124 17.36 -23.25 8.39
C LYS A 124 17.90 -22.44 9.56
N GLU A 125 17.79 -21.13 9.49
CA GLU A 125 18.28 -20.27 10.55
C GLU A 125 17.31 -20.24 11.74
N LYS A 126 16.01 -20.34 11.44
CA LYS A 126 15.00 -20.35 12.48
C LYS A 126 15.03 -21.67 13.22
N ILE A 127 15.27 -22.75 12.48
CA ILE A 127 15.34 -24.08 13.05
C ILE A 127 16.53 -24.20 14.00
N LYS A 128 17.68 -23.81 13.51
CA LYS A 128 18.90 -23.89 14.29
C LYS A 128 18.96 -22.93 15.46
N ASN A 129 18.53 -21.70 15.24
CA ASN A 129 18.62 -20.68 16.28
C ASN A 129 17.39 -20.37 17.13
N ARG A 130 16.20 -20.74 16.66
CA ARG A 130 14.99 -20.44 17.42
C ARG A 130 14.13 -21.59 17.96
N TYR A 131 13.66 -22.48 17.08
CA TYR A 131 12.80 -23.58 17.48
C TYR A 131 13.45 -24.80 18.08
N PHE A 132 14.45 -25.38 17.43
CA PHE A 132 15.07 -26.57 18.00
C PHE A 132 15.69 -26.27 19.37
N PRO A 133 16.34 -25.12 19.50
CA PRO A 133 16.93 -24.79 20.80
C PRO A 133 15.86 -24.73 21.88
N ALA A 134 14.73 -24.12 21.54
CA ALA A 134 13.61 -23.97 22.48
C ALA A 134 13.07 -25.28 22.98
N PHE A 135 12.88 -26.23 22.07
CA PHE A 135 12.35 -27.54 22.43
C PHE A 135 13.40 -28.41 23.12
N GLU A 136 14.65 -28.24 22.75
CA GLU A 136 15.72 -29.00 23.37
C GLU A 136 15.77 -28.55 24.81
N LYS A 137 15.60 -27.26 25.02
CA LYS A 137 15.63 -26.65 26.34
C LYS A 137 14.50 -27.15 27.24
N VAL A 138 13.34 -27.44 26.66
CA VAL A 138 12.21 -27.93 27.43
C VAL A 138 12.51 -29.35 27.91
N LEU A 139 13.03 -30.19 27.00
CA LEU A 139 13.35 -31.57 27.33
C LEU A 139 14.49 -31.61 28.34
N LYS A 140 15.43 -30.71 28.20
CA LYS A 140 16.57 -30.65 29.11
C LYS A 140 16.16 -30.20 30.49
N SER A 141 15.09 -29.45 30.58
CA SER A 141 14.63 -28.94 31.86
C SER A 141 14.00 -29.97 32.77
N HIS A 142 13.00 -30.68 32.29
CA HIS A 142 12.36 -31.70 33.13
C HIS A 142 13.01 -33.07 33.01
N GLY A 143 13.91 -33.21 32.05
CA GLY A 143 14.60 -34.47 31.84
C GLY A 143 13.67 -35.66 31.75
N GLN A 144 12.44 -35.47 31.27
CA GLN A 144 11.48 -36.57 31.14
C GLN A 144 11.33 -37.05 29.70
N ASP A 145 10.74 -38.22 29.52
CA ASP A 145 10.61 -38.75 28.18
C ASP A 145 9.67 -38.03 27.25
N TYR A 146 8.81 -37.19 27.81
CA TYR A 146 7.85 -36.46 27.01
C TYR A 146 7.89 -34.95 27.25
N LEU A 147 7.38 -34.19 26.29
CA LEU A 147 7.39 -32.73 26.38
C LEU A 147 6.51 -32.16 27.48
N VAL A 148 5.35 -32.73 27.69
CA VAL A 148 4.42 -32.20 28.69
C VAL A 148 3.76 -33.25 29.59
N GLY A 149 3.91 -33.07 30.89
CA GLY A 149 3.30 -33.94 31.88
C GLY A 149 3.73 -35.38 31.94
N ASN A 150 4.97 -35.64 31.52
CA ASN A 150 5.54 -36.98 31.53
C ASN A 150 4.61 -38.07 30.97
N LYS A 151 3.87 -37.72 29.93
CA LYS A 151 2.93 -38.63 29.28
C LYS A 151 2.84 -38.23 27.81
N LEU A 152 2.52 -39.18 26.95
CA LEU A 152 2.45 -38.89 25.54
C LEU A 152 1.31 -37.96 25.32
N SER A 153 1.53 -36.95 24.47
CA SER A 153 0.52 -35.96 24.10
C SER A 153 0.73 -35.57 22.65
N ARG A 154 -0.22 -34.86 22.08
CA ARG A 154 -0.11 -34.40 20.71
C ARG A 154 1.14 -33.56 20.52
N ALA A 155 1.72 -33.03 21.58
CA ALA A 155 2.91 -32.22 21.37
C ALA A 155 4.06 -33.06 20.86
N ASP A 156 4.18 -34.27 21.37
CA ASP A 156 5.23 -35.19 20.97
C ASP A 156 4.98 -35.64 19.53
N ILE A 157 3.76 -36.07 19.21
CA ILE A 157 3.46 -36.49 17.85
C ILE A 157 3.74 -35.38 16.84
N HIS A 158 3.22 -34.18 17.05
CA HIS A 158 3.42 -33.05 16.12
C HIS A 158 4.88 -32.65 16.03
N LEU A 159 5.62 -32.75 17.12
CA LEU A 159 7.02 -32.36 17.04
C LEU A 159 7.79 -33.36 16.23
N VAL A 160 7.64 -34.63 16.55
CA VAL A 160 8.34 -35.69 15.83
C VAL A 160 8.00 -35.64 14.35
N GLU A 161 6.74 -35.43 14.02
CA GLU A 161 6.37 -35.33 12.63
C GLU A 161 7.19 -34.24 11.97
N LEU A 162 7.39 -33.11 12.64
CA LEU A 162 8.17 -32.03 12.07
C LEU A 162 9.63 -32.45 11.95
N LEU A 163 10.12 -33.23 12.91
CA LEU A 163 11.51 -33.68 12.91
C LEU A 163 11.80 -34.49 11.65
N TYR A 164 10.82 -35.24 11.16
CA TYR A 164 11.03 -36.01 9.95
C TYR A 164 11.15 -35.07 8.78
N TYR A 165 10.24 -34.11 8.64
CA TYR A 165 10.30 -33.14 7.54
C TYR A 165 11.59 -32.35 7.51
N VAL A 166 12.13 -32.04 8.68
CA VAL A 166 13.37 -31.29 8.74
C VAL A 166 14.52 -32.19 8.33
N GLU A 167 14.39 -33.48 8.59
CA GLU A 167 15.40 -34.46 8.24
C GLU A 167 15.47 -34.51 6.73
N GLU A 168 14.31 -34.49 6.08
CA GLU A 168 14.22 -34.51 4.62
C GLU A 168 14.78 -33.24 4.01
N LEU A 169 14.95 -32.21 4.82
CA LEU A 169 15.43 -30.93 4.32
C LEU A 169 16.93 -30.82 4.49
N ASP A 170 17.43 -31.35 5.61
CA ASP A 170 18.84 -31.30 5.93
C ASP A 170 19.05 -32.10 7.20
N SER A 171 19.58 -33.31 7.04
CA SER A 171 19.83 -34.20 8.16
C SER A 171 20.80 -33.68 9.20
N SER A 172 21.62 -32.71 8.85
CA SER A 172 22.58 -32.20 9.82
C SER A 172 22.01 -31.29 10.89
N LEU A 173 20.85 -30.68 10.62
CA LEU A 173 20.23 -29.74 11.55
C LEU A 173 19.99 -30.26 12.96
N ILE A 174 19.48 -31.49 13.08
CA ILE A 174 19.17 -32.06 14.39
C ILE A 174 20.35 -32.57 15.19
N SER A 175 21.48 -32.75 14.52
CA SER A 175 22.70 -33.29 15.14
C SER A 175 23.15 -32.66 16.45
N SER A 176 22.96 -31.36 16.59
CA SER A 176 23.38 -30.63 17.79
C SER A 176 22.32 -30.68 18.90
N PHE A 177 21.23 -31.39 18.62
CA PHE A 177 20.14 -31.50 19.55
C PHE A 177 19.89 -32.96 19.85
N PRO A 178 20.68 -33.52 20.77
CA PRO A 178 20.59 -34.92 21.20
C PRO A 178 19.27 -35.33 21.81
N LEU A 179 18.69 -34.48 22.66
CA LEU A 179 17.41 -34.79 23.30
C LEU A 179 16.28 -34.86 22.26
N LEU A 180 16.37 -34.05 21.22
CA LEU A 180 15.36 -34.09 20.19
C LEU A 180 15.53 -35.37 19.39
N LYS A 181 16.79 -35.74 19.14
CA LYS A 181 17.11 -36.97 18.42
C LYS A 181 16.53 -38.13 19.22
N ALA A 182 16.77 -38.10 20.53
CA ALA A 182 16.27 -39.15 21.40
C ALA A 182 14.76 -39.27 21.31
N LEU A 183 14.07 -38.13 21.39
CA LEU A 183 12.61 -38.13 21.33
C LEU A 183 12.14 -38.70 19.99
N LYS A 184 12.87 -38.38 18.93
CA LYS A 184 12.50 -38.86 17.61
C LYS A 184 12.49 -40.38 17.57
N THR A 185 13.54 -41.00 18.14
CA THR A 185 13.68 -42.46 18.19
C THR A 185 12.59 -43.07 19.05
N ARG A 186 12.53 -42.56 20.28
CA ARG A 186 11.58 -43.00 21.28
C ARG A 186 10.15 -43.03 20.74
N ILE A 187 9.64 -41.89 20.23
CA ILE A 187 8.27 -41.86 19.70
C ILE A 187 8.13 -42.72 18.46
N SER A 188 9.20 -42.83 17.69
CA SER A 188 9.19 -43.64 16.47
C SER A 188 9.06 -45.12 16.78
N ASN A 189 9.41 -45.50 18.01
CA ASN A 189 9.31 -46.89 18.41
C ASN A 189 7.99 -47.27 19.05
N LEU A 190 7.10 -46.29 19.28
CA LEU A 190 5.79 -46.62 19.85
C LEU A 190 5.14 -47.53 18.82
N PRO A 191 4.53 -48.62 19.26
CA PRO A 191 3.91 -49.54 18.30
C PRO A 191 3.00 -48.91 17.24
N THR A 192 2.18 -47.94 17.63
CA THR A 192 1.27 -47.27 16.67
C THR A 192 1.98 -46.37 15.67
N VAL A 193 2.96 -45.61 16.16
CA VAL A 193 3.70 -44.73 15.29
C VAL A 193 4.54 -45.57 14.34
N LYS A 194 5.29 -46.53 14.88
CA LYS A 194 6.15 -47.44 14.12
C LYS A 194 5.40 -48.11 12.96
N LYS A 195 4.14 -48.37 13.15
CA LYS A 195 3.33 -48.98 12.12
C LYS A 195 2.95 -47.99 11.02
N PHE A 196 2.85 -46.71 11.40
CA PHE A 196 2.51 -45.63 10.48
C PHE A 196 3.75 -45.36 9.65
N LEU A 197 4.93 -45.48 10.27
CA LEU A 197 6.18 -45.24 9.55
C LEU A 197 6.53 -46.31 8.50
N GLN A 198 6.06 -47.53 8.69
CA GLN A 198 6.32 -48.63 7.76
C GLN A 198 5.67 -48.46 6.39
N PRO A 199 6.18 -49.17 5.37
CA PRO A 199 5.64 -49.08 4.00
C PRO A 199 4.19 -49.50 3.97
N GLY A 200 3.41 -48.91 3.06
CA GLY A 200 2.01 -49.28 2.95
C GLY A 200 1.02 -48.57 3.88
N SER A 201 1.52 -47.82 4.87
CA SER A 201 0.62 -47.10 5.77
C SER A 201 0.09 -45.88 5.03
N PRO A 202 -0.92 -45.19 5.59
CA PRO A 202 -1.43 -44.02 4.89
C PRO A 202 -0.52 -42.79 4.90
N ARG A 203 0.67 -42.92 5.47
CA ARG A 203 1.61 -41.81 5.49
C ARG A 203 1.84 -41.39 4.06
N LYS A 204 1.99 -40.09 3.82
CA LYS A 204 2.15 -39.59 2.47
C LYS A 204 3.57 -39.18 2.18
N PRO A 205 3.95 -39.22 0.91
CA PRO A 205 5.30 -38.87 0.46
C PRO A 205 5.48 -37.38 0.30
N PRO A 206 6.73 -36.91 0.29
CA PRO A 206 6.96 -35.47 0.12
C PRO A 206 6.44 -35.13 -1.25
N MET A 207 5.89 -33.92 -1.40
CA MET A 207 5.34 -33.49 -2.68
C MET A 207 6.42 -33.18 -3.72
N ASP A 208 6.10 -33.47 -4.98
CA ASP A 208 7.04 -33.25 -6.09
C ASP A 208 6.38 -32.28 -7.07
N GLU A 209 6.93 -32.20 -8.28
CA GLU A 209 6.40 -31.32 -9.29
C GLU A 209 5.12 -31.86 -9.90
N LYS A 210 5.10 -33.16 -10.21
CA LYS A 210 3.93 -33.77 -10.83
C LYS A 210 2.62 -33.56 -10.06
N SER A 211 2.65 -33.91 -8.78
CA SER A 211 1.47 -33.80 -7.94
C SER A 211 1.07 -32.37 -7.63
N LEU A 212 2.06 -31.47 -7.54
CA LEU A 212 1.81 -30.06 -7.25
C LEU A 212 1.02 -29.41 -8.36
N GLU A 213 1.27 -29.87 -9.58
CA GLU A 213 0.59 -29.33 -10.74
C GLU A 213 -0.86 -29.78 -10.75
N GLU A 214 -1.08 -31.05 -10.43
CA GLU A 214 -2.42 -31.62 -10.37
C GLU A 214 -3.27 -30.91 -9.29
N ALA A 215 -2.65 -30.66 -8.14
CA ALA A 215 -3.30 -30.00 -7.00
C ALA A 215 -3.68 -28.54 -7.26
N ARG A 216 -2.70 -27.71 -7.60
CA ARG A 216 -2.99 -26.29 -7.86
C ARG A 216 -3.99 -26.12 -9.01
N LYS A 217 -4.25 -27.21 -9.72
CA LYS A 217 -5.21 -27.23 -10.80
C LYS A 217 -6.60 -27.24 -10.15
N ILE A 218 -6.87 -28.32 -9.41
CA ILE A 218 -8.13 -28.56 -8.71
C ILE A 218 -8.47 -27.46 -7.70
N PHE A 219 -7.54 -27.20 -6.79
CA PHE A 219 -7.71 -26.21 -5.75
C PHE A 219 -7.50 -24.79 -6.25
N ARG A 220 -6.72 -24.67 -7.33
CA ARG A 220 -6.41 -23.36 -7.92
C ARG A 220 -5.63 -22.47 -6.95
N PHE A 221 -4.30 -22.54 -7.06
CA PHE A 221 -3.42 -21.75 -6.21
C PHE A 221 -2.02 -21.69 -6.84
N ALA B 1 1.90 -10.18 39.90
CA ALA B 1 0.60 -9.55 40.32
C ALA B 1 -0.58 -10.48 40.06
N GLU B 2 -1.78 -9.99 40.37
CA GLU B 2 -3.00 -10.76 40.16
C GLU B 2 -3.69 -10.38 38.86
N LYS B 3 -3.19 -9.31 38.22
CA LYS B 3 -3.76 -8.87 36.95
C LYS B 3 -2.83 -9.30 35.83
N PRO B 4 -3.41 -9.78 34.73
CA PRO B 4 -2.69 -10.23 33.54
C PRO B 4 -1.96 -9.04 32.91
N LYS B 5 -0.68 -9.22 32.60
CA LYS B 5 0.13 -8.18 31.97
C LYS B 5 0.27 -8.58 30.50
N LEU B 6 -0.24 -7.76 29.59
CA LEU B 6 -0.11 -8.06 28.18
C LEU B 6 1.07 -7.31 27.61
N HIS B 7 2.05 -8.01 27.06
CA HIS B 7 3.22 -7.36 26.48
C HIS B 7 3.11 -7.28 24.96
N TYR B 8 3.03 -6.07 24.43
CA TYR B 8 2.95 -5.89 22.98
C TYR B 8 3.22 -4.45 22.61
N PHE B 9 3.14 -4.16 21.32
CA PHE B 9 3.32 -2.83 20.78
C PHE B 9 2.00 -2.11 21.09
N ASN B 10 2.01 -0.79 21.12
CA ASN B 10 0.78 -0.08 21.38
C ASN B 10 -0.03 -0.04 20.11
N ALA B 11 -0.63 -1.18 19.78
CA ALA B 11 -1.43 -1.26 18.57
C ALA B 11 -2.34 -2.48 18.54
N ARG B 12 -3.19 -2.51 17.53
CA ARG B 12 -4.13 -3.61 17.34
C ARG B 12 -3.28 -4.86 17.17
N GLY B 13 -2.70 -5.02 15.99
CA GLY B 13 -1.84 -6.17 15.72
C GLY B 13 -2.43 -7.51 16.09
N ARG B 14 -1.57 -8.35 16.68
CA ARG B 14 -1.94 -9.71 17.09
C ARG B 14 -2.48 -9.86 18.50
N MET B 15 -2.47 -8.77 19.28
CA MET B 15 -2.95 -8.79 20.65
C MET B 15 -4.39 -8.30 20.82
N GLU B 16 -4.94 -7.63 19.82
CA GLU B 16 -6.29 -7.10 19.95
C GLU B 16 -7.37 -8.09 20.36
N SER B 17 -7.43 -9.26 19.72
CA SER B 17 -8.47 -10.23 20.07
C SER B 17 -8.35 -10.70 21.51
N THR B 18 -7.15 -10.69 22.08
CA THR B 18 -6.97 -11.08 23.47
C THR B 18 -7.62 -10.00 24.32
N ARG B 19 -7.44 -8.75 23.89
CA ARG B 19 -8.04 -7.63 24.60
C ARG B 19 -9.54 -7.73 24.57
N TRP B 20 -10.13 -8.04 23.43
CA TRP B 20 -11.57 -8.14 23.39
C TRP B 20 -12.08 -9.27 24.25
N LEU B 21 -11.34 -10.36 24.37
CA LEU B 21 -11.81 -11.51 25.16
C LEU B 21 -11.73 -11.22 26.65
N LEU B 22 -10.61 -10.70 27.10
CA LEU B 22 -10.44 -10.39 28.52
C LEU B 22 -11.52 -9.42 28.96
N ALA B 23 -11.68 -8.32 28.21
CA ALA B 23 -12.69 -7.30 28.49
C ALA B 23 -14.08 -7.89 28.47
N ALA B 24 -14.43 -8.64 27.45
CA ALA B 24 -15.74 -9.24 27.38
C ALA B 24 -15.92 -10.17 28.57
N ALA B 25 -14.82 -10.72 29.07
CA ALA B 25 -14.90 -11.61 30.22
C ALA B 25 -15.02 -10.83 31.50
N GLY B 26 -14.74 -9.53 31.43
CA GLY B 26 -14.82 -8.68 32.61
C GLY B 26 -13.56 -8.71 33.45
N VAL B 27 -12.45 -9.06 32.84
CA VAL B 27 -11.17 -9.14 33.54
C VAL B 27 -10.36 -7.87 33.31
N GLU B 28 -9.78 -7.34 34.38
CA GLU B 28 -8.96 -6.14 34.25
C GLU B 28 -7.56 -6.57 33.95
N PHE B 29 -6.89 -5.86 33.05
CA PHE B 29 -5.52 -6.22 32.71
C PHE B 29 -4.61 -5.02 32.58
N GLU B 30 -3.31 -5.26 32.73
CA GLU B 30 -2.29 -4.23 32.59
C GLU B 30 -1.64 -4.44 31.23
N GLU B 31 -1.14 -3.35 30.65
CA GLU B 31 -0.48 -3.44 29.37
C GLU B 31 0.91 -2.87 29.48
N LYS B 32 1.92 -3.66 29.14
CA LYS B 32 3.29 -3.19 29.19
C LYS B 32 3.77 -3.03 27.75
N PHE B 33 3.58 -1.84 27.21
CA PHE B 33 3.94 -1.53 25.84
C PHE B 33 5.41 -1.61 25.49
N ILE B 34 5.68 -2.04 24.27
CA ILE B 34 7.03 -2.16 23.78
C ILE B 34 7.26 -0.91 22.95
N LYS B 35 8.01 0.02 23.52
CA LYS B 35 8.31 1.29 22.88
C LYS B 35 9.46 1.22 21.88
N SER B 36 10.45 0.37 22.17
CA SER B 36 11.61 0.26 21.30
C SER B 36 12.19 -1.14 21.23
N ALA B 37 13.01 -1.38 20.20
CA ALA B 37 13.66 -2.67 20.03
C ALA B 37 14.49 -3.03 21.25
N GLU B 38 14.93 -2.02 22.02
CA GLU B 38 15.69 -2.32 23.22
C GLU B 38 14.79 -3.06 24.18
N ASP B 39 13.52 -2.66 24.22
CA ASP B 39 12.53 -3.30 25.10
C ASP B 39 12.33 -4.74 24.73
N LEU B 40 12.13 -5.00 23.43
CA LEU B 40 11.91 -6.34 22.91
C LEU B 40 13.11 -7.26 23.15
N ASP B 41 14.31 -6.70 23.11
CA ASP B 41 15.53 -7.47 23.35
C ASP B 41 15.64 -7.80 24.82
N LYS B 42 15.26 -6.85 25.67
CA LYS B 42 15.31 -7.06 27.11
C LYS B 42 14.48 -8.30 27.47
N LEU B 43 13.28 -8.40 26.88
CA LEU B 43 12.38 -9.53 27.12
C LEU B 43 13.02 -10.83 26.64
N ARG B 44 13.50 -10.81 25.39
CA ARG B 44 14.15 -11.97 24.79
C ARG B 44 15.30 -12.45 25.66
N ASN B 45 16.14 -11.51 26.06
CA ASN B 45 17.30 -11.84 26.89
C ASN B 45 16.90 -12.27 28.29
N ASP B 46 15.77 -11.76 28.77
CA ASP B 46 15.28 -12.13 30.10
C ASP B 46 14.71 -13.52 30.07
N GLY B 47 14.44 -14.01 28.87
CA GLY B 47 13.89 -15.34 28.69
C GLY B 47 12.39 -15.42 28.91
N TYR B 48 11.67 -14.37 28.56
CA TYR B 48 10.23 -14.34 28.74
C TYR B 48 9.47 -14.80 27.52
N LEU B 49 10.17 -14.87 26.39
CA LEU B 49 9.55 -15.24 25.13
C LEU B 49 10.12 -16.57 24.61
N MET B 50 9.34 -17.65 24.71
CA MET B 50 9.81 -18.96 24.26
C MET B 50 10.31 -19.01 22.84
N PHE B 51 9.58 -18.39 21.92
CA PHE B 51 9.96 -18.39 20.52
C PHE B 51 10.45 -17.04 20.04
N GLN B 52 10.98 -16.25 20.98
CA GLN B 52 11.54 -14.94 20.70
C GLN B 52 10.56 -13.85 20.30
N GLN B 53 9.29 -14.16 20.18
CA GLN B 53 8.31 -13.17 19.74
C GLN B 53 7.25 -12.81 20.76
N VAL B 54 6.42 -11.82 20.40
CA VAL B 54 5.30 -11.38 21.20
C VAL B 54 4.12 -11.53 20.24
N PRO B 55 2.87 -11.44 20.71
CA PRO B 55 2.37 -11.22 22.06
C PRO B 55 2.86 -12.20 23.09
N MET B 56 2.88 -11.76 24.34
CA MET B 56 3.28 -12.58 25.46
C MET B 56 2.26 -12.15 26.51
N VAL B 57 1.82 -13.04 27.36
CA VAL B 57 0.80 -12.66 28.35
C VAL B 57 1.05 -13.34 29.66
N GLU B 58 1.54 -12.59 30.63
CA GLU B 58 1.78 -13.12 31.96
C GLU B 58 0.43 -13.30 32.61
N ILE B 59 0.05 -14.55 32.84
CA ILE B 59 -1.23 -14.87 33.47
C ILE B 59 -1.06 -16.16 34.25
N ASP B 60 -1.61 -16.17 35.45
CA ASP B 60 -1.56 -17.33 36.33
C ASP B 60 -0.18 -17.93 36.51
N GLY B 61 0.84 -17.08 36.53
CA GLY B 61 2.19 -17.55 36.75
C GLY B 61 2.92 -18.07 35.54
N MET B 62 2.24 -18.09 34.40
CA MET B 62 2.82 -18.55 33.17
C MET B 62 3.13 -17.39 32.24
N LYS B 63 4.11 -17.58 31.36
CA LYS B 63 4.47 -16.58 30.37
C LYS B 63 4.09 -17.23 29.05
N LEU B 64 2.82 -17.06 28.68
CA LEU B 64 2.27 -17.64 27.48
C LEU B 64 2.59 -16.86 26.22
N VAL B 65 2.99 -17.56 25.16
CA VAL B 65 3.24 -16.92 23.88
C VAL B 65 2.39 -17.68 22.87
N GLN B 66 2.31 -17.16 21.67
CA GLN B 66 1.50 -17.74 20.62
C GLN B 66 0.04 -17.36 20.91
N THR B 67 -0.53 -16.51 20.05
CA THR B 67 -1.90 -16.04 20.18
C THR B 67 -2.94 -17.08 20.55
N ARG B 68 -2.98 -18.19 19.82
CA ARG B 68 -3.97 -19.23 20.11
C ARG B 68 -3.78 -19.95 21.44
N ALA B 69 -2.56 -20.01 21.95
CA ALA B 69 -2.38 -20.67 23.22
C ALA B 69 -2.97 -19.77 24.29
N ILE B 70 -2.77 -18.45 24.12
CA ILE B 70 -3.26 -17.41 25.04
C ILE B 70 -4.78 -17.40 25.03
N LEU B 71 -5.38 -17.23 23.86
CA LEU B 71 -6.83 -17.20 23.75
C LEU B 71 -7.50 -18.45 24.27
N ASN B 72 -6.85 -19.59 24.10
CA ASN B 72 -7.42 -20.86 24.53
C ASN B 72 -7.47 -20.95 26.04
N TYR B 73 -6.41 -20.51 26.68
CA TYR B 73 -6.35 -20.54 28.13
C TYR B 73 -7.42 -19.61 28.71
N ILE B 74 -7.40 -18.34 28.28
CA ILE B 74 -8.38 -17.35 28.72
C ILE B 74 -9.78 -17.88 28.49
N ALA B 75 -10.12 -18.23 27.26
CA ALA B 75 -11.46 -18.75 26.99
C ALA B 75 -11.88 -19.91 27.90
N SER B 76 -10.93 -20.77 28.27
CA SER B 76 -11.27 -21.90 29.11
C SER B 76 -11.46 -21.43 30.53
N LYS B 77 -10.50 -20.68 31.02
CA LYS B 77 -10.54 -20.18 32.37
C LYS B 77 -11.79 -19.41 32.73
N TYR B 78 -12.39 -18.70 31.78
CA TYR B 78 -13.58 -17.91 32.04
C TYR B 78 -14.85 -18.48 31.46
N ASN B 79 -14.90 -19.78 31.32
CA ASN B 79 -16.08 -20.47 30.80
C ASN B 79 -16.68 -19.95 29.51
N LEU B 80 -15.82 -19.52 28.59
CA LEU B 80 -16.26 -19.01 27.29
C LEU B 80 -15.92 -20.02 26.17
N TYR B 81 -15.59 -21.25 26.53
CA TYR B 81 -15.23 -22.24 25.52
C TYR B 81 -16.21 -23.38 25.37
N GLY B 82 -17.51 -23.14 25.58
CA GLY B 82 -18.50 -24.20 25.43
C GLY B 82 -18.56 -25.15 26.61
N LYS B 83 -19.59 -26.01 26.66
CA LYS B 83 -19.71 -26.93 27.80
C LYS B 83 -18.95 -28.24 27.62
N ASP B 84 -19.06 -28.83 26.44
CA ASP B 84 -18.37 -30.08 26.21
C ASP B 84 -17.44 -30.06 25.01
N ILE B 85 -16.86 -31.23 24.74
CA ILE B 85 -15.92 -31.47 23.65
C ILE B 85 -16.57 -31.25 22.28
N LYS B 86 -17.85 -31.55 22.16
CA LYS B 86 -18.52 -31.37 20.88
C LYS B 86 -18.85 -29.92 20.61
N GLU B 87 -19.06 -29.15 21.68
CA GLU B 87 -19.36 -27.73 21.52
C GLU B 87 -18.08 -27.02 21.15
N ARG B 88 -16.98 -27.40 21.79
N ARG B 88 -16.98 -27.41 21.78
CA ARG B 88 -15.68 -26.82 21.50
CA ARG B 88 -15.67 -26.83 21.53
C ARG B 88 -15.25 -27.06 20.05
C ARG B 88 -15.24 -27.08 20.08
N ALA B 89 -15.83 -28.08 19.42
CA ALA B 89 -15.51 -28.42 18.04
C ALA B 89 -16.18 -27.45 17.11
N LEU B 90 -17.40 -27.04 17.44
CA LEU B 90 -18.14 -26.07 16.62
C LEU B 90 -17.52 -24.68 16.79
N ILE B 91 -17.18 -24.34 18.02
CA ILE B 91 -16.55 -23.08 18.32
C ILE B 91 -15.26 -22.99 17.55
N ASP B 92 -14.36 -23.98 17.70
CA ASP B 92 -13.09 -24.01 16.98
C ASP B 92 -13.23 -23.90 15.48
N MET B 93 -14.25 -24.55 14.93
CA MET B 93 -14.49 -24.51 13.49
C MET B 93 -14.91 -23.13 13.02
N TYR B 94 -15.71 -22.44 13.84
CA TYR B 94 -16.20 -21.09 13.55
C TYR B 94 -15.12 -20.06 13.72
N ILE B 95 -14.41 -20.11 14.84
CA ILE B 95 -13.37 -19.13 15.10
C ILE B 95 -12.11 -19.26 14.27
N GLU B 96 -11.89 -20.42 13.66
CA GLU B 96 -10.69 -20.58 12.83
C GLU B 96 -11.06 -20.00 11.45
N GLY B 97 -12.33 -20.04 11.11
CA GLY B 97 -12.75 -19.44 9.85
C GLY B 97 -12.67 -17.94 10.01
N ILE B 98 -13.07 -17.47 11.19
CA ILE B 98 -13.03 -16.07 11.53
C ILE B 98 -11.58 -15.66 11.55
N ALA B 99 -10.71 -16.47 12.14
CA ALA B 99 -9.30 -16.10 12.16
C ALA B 99 -8.69 -16.06 10.77
N ASP B 100 -9.20 -16.85 9.84
CA ASP B 100 -8.64 -16.83 8.49
C ASP B 100 -8.96 -15.50 7.83
N LEU B 101 -10.24 -15.17 7.77
CA LEU B 101 -10.69 -13.92 7.17
C LEU B 101 -10.00 -12.76 7.85
N GLY B 102 -9.90 -12.85 9.16
CA GLY B 102 -9.26 -11.80 9.92
C GLY B 102 -7.78 -11.60 9.62
N GLU B 103 -7.08 -12.67 9.24
CA GLU B 103 -5.64 -12.58 8.94
C GLU B 103 -5.45 -11.83 7.65
N MET B 104 -6.42 -11.91 6.76
CA MET B 104 -6.34 -11.20 5.49
C MET B 104 -6.48 -9.71 5.71
N ILE B 105 -7.51 -9.35 6.48
CA ILE B 105 -7.78 -7.95 6.80
C ILE B 105 -6.60 -7.36 7.57
N LEU B 106 -5.98 -8.15 8.43
CA LEU B 106 -4.88 -7.67 9.24
C LEU B 106 -3.64 -7.31 8.43
N LEU B 107 -3.37 -8.06 7.38
CA LEU B 107 -2.18 -7.83 6.58
C LEU B 107 -2.35 -6.80 5.46
N LEU B 108 -3.59 -6.40 5.23
CA LEU B 108 -3.92 -5.44 4.18
C LEU B 108 -3.03 -4.19 4.21
N PRO B 109 -2.73 -3.65 5.40
CA PRO B 109 -1.88 -2.45 5.49
C PRO B 109 -0.48 -2.63 4.92
N VAL B 110 0.09 -3.81 5.12
CA VAL B 110 1.44 -4.08 4.63
C VAL B 110 1.40 -4.77 3.26
N CYS B 111 0.27 -4.66 2.58
CA CYS B 111 0.14 -5.25 1.25
C CYS B 111 0.77 -4.36 0.16
N PRO B 112 1.47 -4.99 -0.83
CA PRO B 112 2.12 -4.26 -1.94
C PRO B 112 1.08 -3.45 -2.72
N PRO B 113 1.29 -2.12 -2.79
CA PRO B 113 0.46 -1.11 -3.45
C PRO B 113 -0.20 -1.51 -4.77
N GLU B 114 0.51 -2.29 -5.57
CA GLU B 114 -0.03 -2.75 -6.85
C GLU B 114 -1.11 -3.79 -6.59
N GLU B 115 -0.96 -4.53 -5.50
CA GLU B 115 -1.90 -5.57 -5.10
C GLU B 115 -3.10 -5.07 -4.29
N LYS B 116 -2.86 -4.10 -3.43
CA LYS B 116 -3.89 -3.55 -2.54
C LYS B 116 -5.32 -3.49 -3.07
N ASP B 117 -5.52 -3.21 -4.34
CA ASP B 117 -6.89 -3.14 -4.85
C ASP B 117 -7.50 -4.50 -5.09
N ALA B 118 -6.66 -5.46 -5.43
CA ALA B 118 -7.07 -6.85 -5.71
C ALA B 118 -7.27 -7.63 -4.41
N LYS B 119 -6.37 -7.42 -3.45
CA LYS B 119 -6.46 -8.11 -2.18
C LYS B 119 -7.74 -7.65 -1.52
N LEU B 120 -7.97 -6.34 -1.59
CA LEU B 120 -9.15 -5.74 -0.99
C LEU B 120 -10.42 -6.21 -1.66
N ALA B 121 -10.32 -6.51 -2.94
CA ALA B 121 -11.48 -6.99 -3.71
C ALA B 121 -11.69 -8.47 -3.48
N LEU B 122 -10.61 -9.16 -3.15
CA LEU B 122 -10.65 -10.58 -2.90
C LEU B 122 -11.36 -10.76 -1.56
N ILE B 123 -10.91 -9.98 -0.59
CA ILE B 123 -11.43 -9.97 0.75
C ILE B 123 -12.92 -9.63 0.80
N LYS B 124 -13.37 -8.70 -0.03
CA LYS B 124 -14.77 -8.35 -0.04
C LYS B 124 -15.60 -9.45 -0.67
N GLU B 125 -14.98 -10.24 -1.54
CA GLU B 125 -15.69 -11.33 -2.19
C GLU B 125 -15.83 -12.54 -1.27
N LYS B 126 -14.83 -12.76 -0.42
CA LYS B 126 -14.86 -13.86 0.51
C LYS B 126 -15.86 -13.57 1.61
N ILE B 127 -15.92 -12.31 2.03
CA ILE B 127 -16.85 -11.88 3.07
C ILE B 127 -18.29 -12.04 2.62
N LYS B 128 -18.57 -11.49 1.44
CA LYS B 128 -19.92 -11.55 0.90
C LYS B 128 -20.36 -12.93 0.49
N ASN B 129 -19.48 -13.68 -0.17
CA ASN B 129 -19.85 -14.99 -0.67
C ASN B 129 -19.50 -16.24 0.15
N ARG B 130 -18.55 -16.12 1.08
CA ARG B 130 -18.16 -17.29 1.86
C ARG B 130 -18.37 -17.30 3.38
N TYR B 131 -17.81 -16.31 4.08
CA TYR B 131 -17.93 -16.25 5.53
C TYR B 131 -19.21 -15.70 6.12
N PHE B 132 -19.65 -14.52 5.70
CA PHE B 132 -20.87 -13.97 6.27
C PHE B 132 -22.05 -14.89 6.00
N PRO B 133 -22.14 -15.44 4.79
CA PRO B 133 -23.27 -16.33 4.50
C PRO B 133 -23.26 -17.53 5.44
N ALA B 134 -22.08 -18.08 5.68
CA ALA B 134 -21.91 -19.24 6.55
C ALA B 134 -22.38 -19.00 7.96
N PHE B 135 -22.00 -17.86 8.51
CA PHE B 135 -22.39 -17.51 9.88
C PHE B 135 -23.84 -17.10 9.98
N GLU B 136 -24.36 -16.46 8.94
CA GLU B 136 -25.75 -16.04 8.93
C GLU B 136 -26.56 -17.32 8.95
N LYS B 137 -26.10 -18.31 8.19
CA LYS B 137 -26.77 -19.60 8.10
C LYS B 137 -26.82 -20.34 9.43
N VAL B 138 -25.79 -20.20 10.24
CA VAL B 138 -25.75 -20.86 11.54
C VAL B 138 -26.79 -20.22 12.46
N LEU B 139 -26.82 -18.89 12.48
CA LEU B 139 -27.78 -18.17 13.31
C LEU B 139 -29.20 -18.44 12.86
N LYS B 140 -29.38 -18.54 11.55
CA LYS B 140 -30.70 -18.78 10.99
C LYS B 140 -31.19 -20.18 11.30
N SER B 141 -30.26 -21.10 11.51
CA SER B 141 -30.62 -22.48 11.78
C SER B 141 -31.20 -22.74 13.16
N HIS B 142 -30.49 -22.33 14.20
CA HIS B 142 -31.01 -22.55 15.54
C HIS B 142 -31.87 -21.39 16.05
N GLY B 143 -31.87 -20.29 15.31
CA GLY B 143 -32.65 -19.13 15.69
C GLY B 143 -32.42 -18.70 17.13
N GLN B 144 -31.23 -18.93 17.67
CA GLN B 144 -30.94 -18.53 19.05
C GLN B 144 -30.07 -17.28 19.12
N ASP B 145 -29.99 -16.67 20.30
CA ASP B 145 -29.23 -15.45 20.41
C ASP B 145 -27.73 -15.58 20.29
N TYR B 146 -27.23 -16.80 20.41
CA TYR B 146 -25.79 -17.03 20.31
C TYR B 146 -25.42 -18.09 19.29
N LEU B 147 -24.16 -18.07 18.85
CA LEU B 147 -23.69 -19.00 17.84
C LEU B 147 -23.63 -20.46 18.29
N VAL B 148 -23.22 -20.69 19.53
CA VAL B 148 -23.09 -22.07 20.01
C VAL B 148 -23.64 -22.30 21.42
N GLY B 149 -24.53 -23.28 21.53
CA GLY B 149 -25.11 -23.67 22.80
C GLY B 149 -25.96 -22.68 23.55
N ASN B 150 -26.59 -21.77 22.81
CA ASN B 150 -27.47 -20.76 23.38
C ASN B 150 -26.90 -20.06 24.62
N LYS B 151 -25.61 -19.79 24.59
CA LYS B 151 -24.90 -19.15 25.68
C LYS B 151 -23.72 -18.38 25.08
N LEU B 152 -23.29 -17.33 25.75
CA LEU B 152 -22.21 -16.53 25.23
C LEU B 152 -20.97 -17.36 25.27
N SER B 153 -20.18 -17.28 24.19
CA SER B 153 -18.91 -17.99 24.08
C SER B 153 -17.94 -17.13 23.29
N ARG B 154 -16.68 -17.52 23.27
CA ARG B 154 -15.67 -16.78 22.53
C ARG B 154 -16.06 -16.68 21.07
N ALA B 155 -16.94 -17.54 20.58
CA ALA B 155 -17.27 -17.45 19.15
C ALA B 155 -18.00 -16.15 18.86
N ASP B 156 -18.87 -15.74 19.77
CA ASP B 156 -19.62 -14.50 19.62
C ASP B 156 -18.68 -13.31 19.72
N ILE B 157 -17.83 -13.27 20.76
CA ILE B 157 -16.89 -12.18 20.90
C ILE B 157 -15.99 -12.02 19.67
N HIS B 158 -15.34 -13.10 19.23
CA HIS B 158 -14.44 -13.05 18.06
C HIS B 158 -15.19 -12.68 16.80
N LEU B 159 -16.43 -13.12 16.65
CA LEU B 159 -17.14 -12.79 15.43
C LEU B 159 -17.48 -11.31 15.42
N VAL B 160 -18.07 -10.82 16.50
CA VAL B 160 -18.45 -9.42 16.59
C VAL B 160 -17.22 -8.54 16.41
N GLU B 161 -16.11 -8.90 17.01
CA GLU B 161 -14.90 -8.11 16.83
C GLU B 161 -14.60 -8.00 15.34
N LEU B 162 -14.75 -9.09 14.59
CA LEU B 162 -14.49 -9.05 13.17
C LEU B 162 -15.52 -8.17 12.47
N LEU B 163 -16.75 -8.19 12.93
CA LEU B 163 -17.81 -7.40 12.33
C LEU B 163 -17.49 -5.92 12.39
N TYR B 164 -16.80 -5.48 13.44
CA TYR B 164 -16.42 -4.10 13.54
C TYR B 164 -15.38 -3.79 12.49
N TYR B 165 -14.34 -4.60 12.38
CA TYR B 165 -13.28 -4.39 11.38
C TYR B 165 -13.82 -4.37 9.96
N VAL B 166 -14.83 -5.18 9.69
CA VAL B 166 -15.40 -5.22 8.36
C VAL B 166 -16.20 -3.96 8.12
N GLU B 167 -16.77 -3.41 9.19
CA GLU B 167 -17.56 -2.20 9.12
C GLU B 167 -16.63 -1.07 8.71
N GLU B 168 -15.44 -1.05 9.30
CA GLU B 168 -14.41 -0.05 9.00
C GLU B 168 -13.90 -0.18 7.58
N LEU B 169 -14.18 -1.31 6.95
CA LEU B 169 -13.68 -1.55 5.61
C LEU B 169 -14.72 -1.19 4.58
N ASP B 170 -15.98 -1.47 4.90
CA ASP B 170 -17.10 -1.19 4.02
C ASP B 170 -18.38 -1.53 4.78
N SER B 171 -19.07 -0.50 5.23
CA SER B 171 -20.30 -0.65 5.99
C SER B 171 -21.43 -1.35 5.25
N SER B 172 -21.38 -1.38 3.93
CA SER B 172 -22.44 -2.01 3.18
C SER B 172 -22.45 -3.53 3.19
N LEU B 173 -21.28 -4.13 3.45
CA LEU B 173 -21.15 -5.59 3.45
C LEU B 173 -22.12 -6.37 4.33
N ILE B 174 -22.32 -5.90 5.56
CA ILE B 174 -23.19 -6.59 6.50
C ILE B 174 -24.68 -6.41 6.29
N SER B 175 -25.04 -5.41 5.49
CA SER B 175 -26.44 -5.07 5.23
C SER B 175 -27.38 -6.20 4.82
N SER B 176 -26.85 -7.15 4.06
CA SER B 176 -27.66 -8.28 3.59
C SER B 176 -27.72 -9.42 4.60
N PHE B 177 -27.08 -9.20 5.74
CA PHE B 177 -27.02 -10.20 6.79
C PHE B 177 -27.60 -9.63 8.06
N PRO B 178 -28.94 -9.65 8.17
CA PRO B 178 -29.68 -9.13 9.32
C PRO B 178 -29.38 -9.81 10.65
N LEU B 179 -29.25 -11.14 10.64
CA LEU B 179 -28.95 -11.87 11.86
C LEU B 179 -27.56 -11.51 12.40
N LEU B 180 -26.62 -11.24 11.50
CA LEU B 180 -25.29 -10.86 11.95
C LEU B 180 -25.36 -9.47 12.52
N LYS B 181 -26.16 -8.60 11.89
CA LYS B 181 -26.34 -7.23 12.36
C LYS B 181 -26.93 -7.31 13.76
N ALA B 182 -27.94 -8.15 13.92
CA ALA B 182 -28.57 -8.33 15.21
C ALA B 182 -27.58 -8.76 16.27
N LEU B 183 -26.75 -9.75 15.95
CA LEU B 183 -25.77 -10.25 16.89
C LEU B 183 -24.78 -9.14 17.26
N LYS B 184 -24.43 -8.31 16.28
CA LYS B 184 -23.51 -7.22 16.52
C LYS B 184 -24.04 -6.28 17.60
N THR B 185 -25.33 -5.92 17.49
CA THR B 185 -25.99 -5.02 18.44
C THR B 185 -26.09 -5.67 19.81
N ARG B 186 -26.67 -6.86 19.81
CA ARG B 186 -26.86 -7.65 21.01
C ARG B 186 -25.59 -7.80 21.82
N ILE B 187 -24.51 -8.30 21.23
CA ILE B 187 -23.26 -8.46 21.98
C ILE B 187 -22.65 -7.11 22.37
N SER B 188 -22.89 -6.10 21.54
CA SER B 188 -22.37 -4.77 21.80
C SER B 188 -23.05 -4.13 23.01
N ASN B 189 -24.23 -4.63 23.36
CA ASN B 189 -24.94 -4.13 24.50
C ASN B 189 -24.64 -4.84 25.81
N LEU B 190 -23.85 -5.91 25.77
CA LEU B 190 -23.51 -6.61 27.02
C LEU B 190 -22.74 -5.57 27.82
N PRO B 191 -23.03 -5.45 29.11
CA PRO B 191 -22.32 -4.45 29.92
C PRO B 191 -20.82 -4.41 29.80
N THR B 192 -20.17 -5.58 29.77
CA THR B 192 -18.69 -5.64 29.65
C THR B 192 -18.17 -5.22 28.29
N VAL B 193 -18.84 -5.66 27.24
CA VAL B 193 -18.42 -5.31 25.89
C VAL B 193 -18.65 -3.81 25.69
N LYS B 194 -19.86 -3.34 26.01
CA LYS B 194 -20.25 -1.93 25.89
C LYS B 194 -19.24 -0.98 26.56
N LYS B 195 -18.64 -1.44 27.64
CA LYS B 195 -17.66 -0.64 28.34
C LYS B 195 -16.33 -0.60 27.59
N PHE B 196 -16.03 -1.68 26.87
CA PHE B 196 -14.80 -1.81 26.09
C PHE B 196 -14.96 -0.92 24.86
N LEU B 197 -16.18 -0.85 24.33
CA LEU B 197 -16.44 -0.02 23.16
C LEU B 197 -16.36 1.48 23.41
N GLN B 198 -16.64 1.92 24.64
CA GLN B 198 -16.60 3.33 24.99
C GLN B 198 -15.21 3.95 24.94
N PRO B 199 -15.13 5.30 24.86
CA PRO B 199 -13.84 6.00 24.81
C PRO B 199 -13.03 5.75 26.05
N GLY B 200 -11.71 5.74 25.91
CA GLY B 200 -10.85 5.51 27.06
C GLY B 200 -10.56 4.07 27.46
N SER B 201 -11.25 3.10 26.86
CA SER B 201 -11.01 1.70 27.18
C SER B 201 -9.72 1.29 26.47
N PRO B 202 -9.17 0.10 26.80
CA PRO B 202 -7.94 -0.30 26.13
C PRO B 202 -8.08 -0.71 24.67
N ARG B 203 -9.28 -0.59 24.12
CA ARG B 203 -9.50 -0.93 22.71
C ARG B 203 -8.54 -0.09 21.90
N LYS B 204 -8.00 -0.65 20.83
CA LYS B 204 -7.02 0.06 20.02
C LYS B 204 -7.61 0.54 18.72
N PRO B 205 -7.03 1.61 18.17
CA PRO B 205 -7.48 2.21 16.91
C PRO B 205 -6.94 1.49 15.71
N PRO B 206 -7.57 1.68 14.54
CA PRO B 206 -7.07 1.01 13.34
C PRO B 206 -5.69 1.58 13.08
N MET B 207 -4.80 0.76 12.57
CA MET B 207 -3.43 1.20 12.30
C MET B 207 -3.33 2.15 11.09
N ASP B 208 -2.40 3.09 11.19
CA ASP B 208 -2.18 4.07 10.14
C ASP B 208 -0.75 3.95 9.64
N GLU B 209 -0.30 4.95 8.91
CA GLU B 209 1.06 4.94 8.38
C GLU B 209 2.10 5.22 9.45
N LYS B 210 1.83 6.22 10.29
CA LYS B 210 2.78 6.59 11.34
C LYS B 210 3.20 5.44 12.26
N SER B 211 2.20 4.76 12.81
CA SER B 211 2.44 3.66 13.74
C SER B 211 3.04 2.42 13.06
N LEU B 212 2.68 2.19 11.80
CA LEU B 212 3.17 1.03 11.05
C LEU B 212 4.66 1.14 10.83
N GLU B 213 5.12 2.37 10.66
CA GLU B 213 6.54 2.61 10.44
C GLU B 213 7.32 2.34 11.72
N GLU B 214 6.78 2.81 12.84
CA GLU B 214 7.41 2.61 14.14
C GLU B 214 7.51 1.11 14.48
N ALA B 215 6.44 0.37 14.19
CA ALA B 215 6.35 -1.06 14.45
C ALA B 215 7.32 -1.91 13.61
N ARG B 216 7.21 -1.82 12.28
CA ARG B 216 8.10 -2.59 11.41
C ARG B 216 9.58 -2.26 11.66
N LYS B 217 9.81 -1.19 12.42
CA LYS B 217 11.15 -0.77 12.78
C LYS B 217 11.61 -1.74 13.88
N ILE B 218 10.90 -1.70 15.01
CA ILE B 218 11.17 -2.53 16.19
C ILE B 218 11.14 -4.03 15.89
N PHE B 219 10.02 -4.48 15.33
CA PHE B 219 9.82 -5.88 15.01
C PHE B 219 10.53 -6.30 13.74
N ARG B 220 10.79 -5.33 12.87
CA ARG B 220 11.46 -5.59 11.59
C ARG B 220 10.63 -6.52 10.69
N PHE B 221 9.82 -5.91 9.84
CA PHE B 221 8.98 -6.66 8.91
C PHE B 221 8.51 -5.73 7.78
N ALA C 1 14.11 33.34 9.65
CA ALA C 1 12.89 33.94 10.28
C ALA C 1 11.70 32.98 10.24
N GLU C 2 10.56 33.46 10.74
CA GLU C 2 9.33 32.66 10.75
C GLU C 2 8.43 33.03 9.58
N LYS C 3 8.79 34.09 8.86
CA LYS C 3 8.01 34.50 7.70
C LYS C 3 8.73 34.07 6.44
N PRO C 4 7.98 33.57 5.46
CA PRO C 4 8.50 33.11 4.18
C PRO C 4 9.09 34.31 3.42
N LYS C 5 10.30 34.15 2.90
CA LYS C 5 10.97 35.19 2.12
C LYS C 5 10.87 34.79 0.67
N LEU C 6 10.19 35.58 -0.16
CA LEU C 6 10.08 35.27 -1.57
C LEU C 6 11.14 36.04 -2.35
N HIS C 7 12.02 35.34 -3.05
CA HIS C 7 13.05 36.02 -3.82
C HIS C 7 12.70 36.07 -5.30
N TYR C 8 12.50 37.27 -5.82
CA TYR C 8 12.17 37.43 -7.23
C TYR C 8 12.35 38.87 -7.65
N PHE C 9 12.03 39.15 -8.92
CA PHE C 9 12.10 40.49 -9.49
C PHE C 9 10.84 41.17 -8.97
N ASN C 10 10.81 42.50 -8.96
CA ASN C 10 9.64 43.19 -8.49
C ASN C 10 8.63 43.19 -9.61
N ALA C 11 8.00 42.05 -9.82
CA ALA C 11 7.01 41.93 -10.88
C ALA C 11 6.13 40.69 -10.74
N ARG C 12 5.12 40.63 -11.59
CA ARG C 12 4.18 39.52 -11.61
C ARG C 12 5.01 38.27 -11.90
N GLY C 13 5.39 38.11 -13.17
CA GLY C 13 6.21 36.98 -13.57
C GLY C 13 5.73 35.62 -13.09
N ARG C 14 6.69 34.81 -12.64
CA ARG C 14 6.42 33.46 -12.17
C ARG C 14 6.13 33.31 -10.69
N MET C 15 6.25 34.40 -9.93
CA MET C 15 6.02 34.40 -8.50
C MET C 15 4.62 34.85 -8.10
N GLU C 16 3.89 35.51 -8.99
CA GLU C 16 2.58 36.01 -8.63
C GLU C 16 1.60 35.00 -8.04
N SER C 17 1.46 33.83 -8.64
CA SER C 17 0.51 32.85 -8.11
C SER C 17 0.88 32.39 -6.70
N THR C 18 2.16 32.44 -6.37
CA THR C 18 2.59 32.06 -5.01
C THR C 18 2.07 33.14 -4.08
N ARG C 19 2.14 34.39 -4.53
CA ARG C 19 1.66 35.51 -3.75
C ARG C 19 0.17 35.38 -3.52
N TRP C 20 -0.59 35.04 -4.53
CA TRP C 20 -2.01 34.91 -4.33
C TRP C 20 -2.36 33.79 -3.38
N LEU C 21 -1.58 32.71 -3.39
CA LEU C 21 -1.88 31.57 -2.52
C LEU C 21 -1.56 31.86 -1.06
N LEU C 22 -0.38 32.42 -0.82
CA LEU C 22 0.01 32.75 0.54
C LEU C 22 -0.98 33.71 1.15
N ALA C 23 -1.30 34.79 0.43
CA ALA C 23 -2.27 35.79 0.88
C ALA C 23 -3.64 35.18 1.10
N ALA C 24 -4.13 34.41 0.16
CA ALA C 24 -5.42 33.78 0.32
C ALA C 24 -5.37 32.87 1.52
N ALA C 25 -4.21 32.35 1.85
CA ALA C 25 -4.07 31.47 2.99
C ALA C 25 -3.99 32.27 4.28
N GLY C 26 -3.74 33.57 4.15
CA GLY C 26 -3.64 34.43 5.32
C GLY C 26 -2.25 34.44 5.93
N VAL C 27 -1.25 34.10 5.13
CA VAL C 27 0.13 34.05 5.60
C VAL C 27 0.86 35.32 5.24
N GLU C 28 1.60 35.88 6.18
CA GLU C 28 2.35 37.10 5.90
C GLU C 28 3.71 36.69 5.36
N PHE C 29 4.20 37.40 4.37
CA PHE C 29 5.50 37.06 3.80
C PHE C 29 6.34 38.27 3.51
N GLU C 30 7.65 38.06 3.43
CA GLU C 30 8.61 39.11 3.11
C GLU C 30 9.02 38.91 1.67
N GLU C 31 9.40 39.98 1.00
CA GLU C 31 9.84 39.90 -0.37
C GLU C 31 11.21 40.49 -0.51
N LYS C 32 12.16 39.72 -1.01
CA LYS C 32 13.50 40.22 -1.20
C LYS C 32 13.74 40.36 -2.68
N PHE C 33 13.43 41.55 -3.21
CA PHE C 33 13.54 41.85 -4.62
C PHE C 33 14.94 41.79 -5.21
N ILE C 34 14.99 41.34 -6.46
CA ILE C 34 16.25 41.25 -7.17
C ILE C 34 16.32 42.48 -8.05
N LYS C 35 17.12 43.45 -7.61
CA LYS C 35 17.28 44.72 -8.31
C LYS C 35 18.25 44.66 -9.49
N SER C 36 19.29 43.82 -9.37
CA SER C 36 20.28 43.72 -10.43
C SER C 36 20.88 42.33 -10.58
N ALA C 37 21.52 42.10 -11.73
CA ALA C 37 22.15 40.82 -12.00
C ALA C 37 23.18 40.49 -10.93
N GLU C 38 23.72 41.51 -10.26
CA GLU C 38 24.70 41.25 -9.21
C GLU C 38 23.98 40.50 -8.09
N ASP C 39 22.73 40.87 -7.84
CA ASP C 39 21.91 40.24 -6.81
C ASP C 39 21.68 38.77 -7.13
N LEU C 40 21.27 38.51 -8.37
CA LEU C 40 21.00 37.15 -8.83
C LEU C 40 22.23 36.25 -8.79
N ASP C 41 23.40 36.84 -9.03
CA ASP C 41 24.66 36.09 -9.01
C ASP C 41 25.02 35.78 -7.57
N LYS C 42 24.77 36.74 -6.67
CA LYS C 42 25.06 36.55 -5.27
C LYS C 42 24.34 35.30 -4.75
N LEU C 43 23.06 35.16 -5.13
CA LEU C 43 22.24 34.02 -4.73
C LEU C 43 22.82 32.73 -5.30
N ARG C 44 23.08 32.74 -6.61
CA ARG C 44 23.64 31.59 -7.31
C ARG C 44 24.92 31.14 -6.65
N ASN C 45 25.81 32.10 -6.40
CA ASN C 45 27.09 31.80 -5.78
C ASN C 45 26.95 31.39 -4.33
N ASP C 46 25.91 31.87 -3.66
CA ASP C 46 25.66 31.52 -2.27
C ASP C 46 25.12 30.11 -2.19
N GLY C 47 24.66 29.60 -3.32
CA GLY C 47 24.12 28.25 -3.38
C GLY C 47 22.67 28.15 -2.91
N TYR C 48 21.89 29.19 -3.15
CA TYR C 48 20.50 29.19 -2.72
C TYR C 48 19.56 28.71 -3.79
N LEU C 49 20.05 28.65 -5.02
CA LEU C 49 19.24 28.23 -6.16
C LEU C 49 19.73 26.91 -6.76
N MET C 50 19.01 25.81 -6.52
CA MET C 50 19.42 24.50 -7.02
C MET C 50 19.67 24.45 -8.52
N PHE C 51 18.78 25.05 -9.30
CA PHE C 51 18.91 25.03 -10.74
C PHE C 51 19.29 26.39 -11.31
N GLN C 52 19.95 27.20 -10.48
CA GLN C 52 20.44 28.52 -10.87
C GLN C 52 19.39 29.59 -11.11
N GLN C 53 18.10 29.25 -11.00
CA GLN C 53 17.05 30.22 -11.28
C GLN C 53 16.17 30.57 -10.10
N VAL C 54 15.27 31.53 -10.32
CA VAL C 54 14.29 31.97 -9.34
C VAL C 54 12.97 31.78 -10.08
N PRO C 55 11.82 31.85 -9.40
CA PRO C 55 11.55 32.08 -7.98
C PRO C 55 12.23 31.13 -7.06
N MET C 56 12.45 31.58 -5.84
CA MET C 56 13.05 30.78 -4.79
C MET C 56 12.22 31.20 -3.59
N VAL C 57 11.95 30.32 -2.66
CA VAL C 57 11.12 30.69 -1.52
C VAL C 57 11.59 30.03 -0.26
N GLU C 58 12.22 30.81 0.61
CA GLU C 58 12.71 30.29 1.88
C GLU C 58 11.48 30.10 2.75
N ILE C 59 11.17 28.85 3.05
CA ILE C 59 10.03 28.51 3.89
C ILE C 59 10.35 27.23 4.64
N ASP C 60 10.02 27.22 5.92
CA ASP C 60 10.23 26.07 6.79
C ASP C 60 11.64 25.51 6.74
N GLY C 61 12.63 26.38 6.58
CA GLY C 61 14.01 25.93 6.57
C GLY C 61 14.53 25.40 5.25
N MET C 62 13.66 25.37 4.24
CA MET C 62 14.04 24.89 2.93
C MET C 62 14.16 26.05 1.96
N LYS C 63 14.99 25.87 0.93
CA LYS C 63 15.15 26.86 -0.12
C LYS C 63 14.55 26.20 -1.35
N LEU C 64 13.25 26.33 -1.49
CA LEU C 64 12.50 25.73 -2.58
C LEU C 64 12.59 26.50 -3.88
N VAL C 65 12.82 25.80 -4.99
CA VAL C 65 12.84 26.41 -6.30
C VAL C 65 11.85 25.64 -7.14
N GLN C 66 11.56 26.14 -8.32
CA GLN C 66 10.58 25.52 -9.21
C GLN C 66 9.18 25.89 -8.68
N THR C 67 8.46 26.72 -9.44
CA THR C 67 7.12 27.17 -9.08
C THR C 67 6.20 26.10 -8.53
N ARG C 68 6.05 24.99 -9.23
CA ARG C 68 5.14 23.93 -8.77
C ARG C 68 5.56 23.23 -7.48
N ALA C 69 6.85 23.20 -7.19
CA ALA C 69 7.27 22.56 -5.96
C ALA C 69 6.85 23.46 -4.81
N ILE C 70 7.00 24.78 -5.03
CA ILE C 70 6.64 25.82 -4.05
C ILE C 70 5.14 25.80 -3.80
N LEU C 71 4.35 25.95 -4.85
CA LEU C 71 2.90 25.95 -4.72
C LEU C 71 2.35 24.69 -4.07
N ASN C 72 3.00 23.56 -4.34
CA ASN C 72 2.53 22.29 -3.81
C ASN C 72 2.74 22.22 -2.32
N TYR C 73 3.89 22.69 -1.86
CA TYR C 73 4.20 22.68 -0.44
C TYR C 73 3.21 23.59 0.29
N ILE C 74 3.13 24.86 -0.14
CA ILE C 74 2.23 25.83 0.45
C ILE C 74 0.81 25.28 0.47
N ALA C 75 0.28 24.89 -0.68
CA ALA C 75 -1.07 24.35 -0.71
C ALA C 75 -1.31 23.19 0.27
N SER C 76 -0.31 22.36 0.48
CA SER C 76 -0.46 21.23 1.37
C SER C 76 -0.41 21.71 2.79
N LYS C 77 0.61 22.50 3.11
CA LYS C 77 0.77 23.01 4.44
C LYS C 77 -0.41 23.76 5.01
N TYR C 78 -1.17 24.45 4.16
CA TYR C 78 -2.32 25.21 4.62
C TYR C 78 -3.66 24.62 4.26
N ASN C 79 -3.71 23.31 4.15
CA ASN C 79 -4.95 22.60 3.84
C ASN C 79 -5.76 23.09 2.67
N LEU C 80 -5.08 23.53 1.61
CA LEU C 80 -5.75 24.00 0.41
C LEU C 80 -5.58 23.00 -0.75
N TYR C 81 -5.17 21.77 -0.44
CA TYR C 81 -4.97 20.78 -1.48
C TYR C 81 -5.95 19.61 -1.45
N GLY C 82 -7.19 19.84 -1.03
CA GLY C 82 -8.17 18.75 -0.99
C GLY C 82 -8.01 17.81 0.18
N LYS C 83 -8.99 16.94 0.42
CA LYS C 83 -8.91 16.03 1.56
C LYS C 83 -8.16 14.73 1.27
N ASP C 84 -8.44 14.12 0.13
CA ASP C 84 -7.78 12.88 -0.20
C ASP C 84 -7.08 12.90 -1.55
N ILE C 85 -6.53 11.75 -1.90
CA ILE C 85 -5.78 11.52 -3.13
C ILE C 85 -6.66 11.70 -4.37
N LYS C 86 -7.93 11.38 -4.27
CA LYS C 86 -8.80 11.53 -5.41
C LYS C 86 -9.22 12.97 -5.64
N GLU C 87 -9.26 13.76 -4.55
CA GLU C 87 -9.61 15.16 -4.67
C GLU C 87 -8.43 15.89 -5.26
N ARG C 88 -7.22 15.53 -4.82
N ARG C 88 -7.23 15.52 -4.82
CA ARG C 88 -6.01 16.14 -5.33
CA ARG C 88 -5.99 16.13 -5.31
C ARG C 88 -5.82 15.90 -6.83
C ARG C 88 -5.80 15.87 -6.80
N ALA C 89 -6.47 14.85 -7.33
CA ALA C 89 -6.39 14.49 -8.75
C ALA C 89 -7.23 15.44 -9.56
N LEU C 90 -8.39 15.84 -9.03
CA LEU C 90 -9.27 16.78 -9.73
C LEU C 90 -8.67 18.19 -9.67
N ILE C 91 -8.13 18.54 -8.53
CA ILE C 91 -7.48 19.83 -8.34
C ILE C 91 -6.33 19.92 -9.33
N ASP C 92 -5.41 18.96 -9.32
CA ASP C 92 -4.28 18.94 -10.25
C ASP C 92 -4.68 19.02 -11.71
N MET C 93 -5.76 18.36 -12.07
CA MET C 93 -6.24 18.36 -13.45
C MET C 93 -6.77 19.74 -13.85
N TYR C 94 -7.42 20.42 -12.90
CA TYR C 94 -7.99 21.75 -13.13
C TYR C 94 -6.92 22.80 -13.16
N ILE C 95 -6.03 22.79 -12.17
CA ILE C 95 -4.99 23.79 -12.10
C ILE C 95 -3.88 23.68 -13.13
N GLU C 96 -3.73 22.52 -13.75
CA GLU C 96 -2.70 22.37 -14.79
C GLU C 96 -3.31 22.91 -16.09
N GLY C 97 -4.62 22.85 -16.20
CA GLY C 97 -5.26 23.43 -17.37
C GLY C 97 -5.19 24.94 -17.24
N ILE C 98 -5.38 25.42 -16.02
CA ILE C 98 -5.32 26.82 -15.69
C ILE C 98 -3.89 27.26 -15.93
N ALA C 99 -2.92 26.47 -15.49
CA ALA C 99 -1.54 26.87 -15.71
C ALA C 99 -1.16 26.90 -17.19
N ASP C 100 -1.81 26.08 -18.01
CA ASP C 100 -1.49 26.10 -19.43
C ASP C 100 -1.95 27.42 -20.05
N LEU C 101 -3.23 27.73 -19.88
CA LEU C 101 -3.79 28.96 -20.40
C LEU C 101 -3.02 30.14 -19.87
N GLY C 102 -2.70 30.07 -18.60
CA GLY C 102 -1.96 31.14 -17.97
C GLY C 102 -0.56 31.36 -18.51
N GLU C 103 0.09 30.30 -19.00
CA GLU C 103 1.44 30.42 -19.53
C GLU C 103 1.41 31.15 -20.86
N MET C 104 0.29 31.05 -21.57
CA MET C 104 0.15 31.73 -22.84
C MET C 104 0.01 33.22 -22.60
N ILE C 105 -0.87 33.58 -21.68
CA ILE C 105 -1.12 34.96 -21.33
C ILE C 105 0.17 35.60 -20.77
N LEU C 106 0.93 34.83 -20.02
CA LEU C 106 2.15 35.33 -19.43
C LEU C 106 3.24 35.71 -20.43
N LEU C 107 3.34 34.96 -21.51
CA LEU C 107 4.36 35.20 -22.50
C LEU C 107 3.98 36.21 -23.58
N LEU C 108 2.71 36.58 -23.61
CA LEU C 108 2.19 37.53 -24.58
C LEU C 108 3.04 38.80 -24.72
N PRO C 109 3.54 39.35 -23.61
CA PRO C 109 4.36 40.57 -23.67
C PRO C 109 5.64 40.41 -24.48
N VAL C 110 6.27 39.25 -24.37
CA VAL C 110 7.51 38.98 -25.08
C VAL C 110 7.26 38.29 -26.41
N CYS C 111 6.03 38.37 -26.90
CA CYS C 111 5.68 37.75 -28.17
C CYS C 111 6.11 38.64 -29.35
N PRO C 112 6.63 38.02 -30.45
CA PRO C 112 7.07 38.74 -31.66
C PRO C 112 5.90 39.53 -32.25
N PRO C 113 6.07 40.85 -32.38
CA PRO C 113 5.11 41.85 -32.89
C PRO C 113 4.25 41.42 -34.08
N GLU C 114 4.82 40.64 -34.98
CA GLU C 114 4.08 40.15 -36.14
C GLU C 114 3.09 39.09 -35.70
N GLU C 115 3.44 38.37 -34.63
CA GLU C 115 2.59 37.32 -34.08
C GLU C 115 1.55 37.80 -33.08
N LYS C 116 1.91 38.79 -32.28
CA LYS C 116 1.03 39.33 -31.24
C LYS C 116 -0.47 39.36 -31.50
N ASP C 117 -0.89 39.62 -32.74
CA ASP C 117 -2.32 39.66 -33.00
C ASP C 117 -2.95 38.29 -33.13
N ALA C 118 -2.14 37.33 -33.59
CA ALA C 118 -2.57 35.94 -33.77
C ALA C 118 -2.53 35.16 -32.46
N LYS C 119 -1.49 35.40 -31.67
CA LYS C 119 -1.34 34.72 -30.39
C LYS C 119 -2.50 35.18 -29.53
N LEU C 120 -2.76 36.48 -29.56
CA LEU C 120 -3.84 37.06 -28.79
C LEU C 120 -5.19 36.57 -29.23
N ALA C 121 -5.31 36.24 -30.51
CA ALA C 121 -6.56 35.74 -31.06
C ALA C 121 -6.71 34.25 -30.79
N LEU C 122 -5.58 33.59 -30.64
CA LEU C 122 -5.54 32.17 -30.37
C LEU C 122 -6.01 32.00 -28.93
N ILE C 123 -5.41 32.80 -28.05
CA ILE C 123 -5.71 32.81 -26.64
C ILE C 123 -7.17 33.12 -26.35
N LYS C 124 -7.76 34.04 -27.11
CA LYS C 124 -9.16 34.36 -26.87
C LYS C 124 -10.06 33.23 -27.33
N GLU C 125 -9.58 32.45 -28.29
CA GLU C 125 -10.38 31.34 -28.81
C GLU C 125 -10.33 30.13 -27.87
N LYS C 126 -9.19 29.95 -27.19
CA LYS C 126 -9.04 28.85 -26.26
C LYS C 126 -9.84 29.14 -25.00
N ILE C 127 -9.86 30.41 -24.60
CA ILE C 127 -10.61 30.83 -23.41
C ILE C 127 -12.10 30.64 -23.62
N LYS C 128 -12.59 31.16 -24.73
CA LYS C 128 -14.00 31.08 -25.04
C LYS C 128 -14.49 29.68 -25.35
N ASN C 129 -13.72 28.93 -26.14
CA ASN C 129 -14.13 27.61 -26.56
C ASN C 129 -13.62 26.39 -25.82
N ARG C 130 -12.54 26.53 -25.06
CA ARG C 130 -11.99 25.38 -24.34
C ARG C 130 -11.94 25.38 -22.82
N TYR C 131 -11.29 26.39 -22.22
CA TYR C 131 -11.16 26.48 -20.77
C TYR C 131 -12.33 27.00 -19.98
N PHE C 132 -12.86 28.17 -20.33
CA PHE C 132 -13.98 28.70 -19.56
C PHE C 132 -15.17 27.77 -19.61
N PRO C 133 -15.46 27.19 -20.79
CA PRO C 133 -16.59 26.28 -20.87
C PRO C 133 -16.40 25.09 -19.93
N ALA C 134 -15.18 24.57 -19.91
CA ALA C 134 -14.85 23.42 -19.07
C ALA C 134 -15.07 23.66 -17.60
N PHE C 135 -14.63 24.83 -17.12
CA PHE C 135 -14.79 25.19 -15.71
C PHE C 135 -16.21 25.57 -15.37
N GLU C 136 -16.91 26.19 -16.32
CA GLU C 136 -18.28 26.57 -16.09
C GLU C 136 -19.06 25.28 -15.92
N LYS C 137 -18.72 24.29 -16.73
CA LYS C 137 -19.36 22.99 -16.70
C LYS C 137 -19.17 22.26 -15.38
N VAL C 138 -18.02 22.43 -14.76
CA VAL C 138 -17.75 21.78 -13.48
C VAL C 138 -18.62 22.41 -12.41
N LEU C 139 -18.69 23.75 -12.39
CA LEU C 139 -19.49 24.45 -11.41
C LEU C 139 -20.96 24.16 -11.61
N LYS C 140 -21.37 24.04 -12.87
CA LYS C 140 -22.75 23.76 -13.19
C LYS C 140 -23.16 22.36 -12.79
N SER C 141 -22.19 21.47 -12.74
CA SER C 141 -22.47 20.09 -12.40
C SER C 141 -22.80 19.82 -10.94
N HIS C 142 -21.93 20.26 -10.04
CA HIS C 142 -22.21 20.04 -8.63
C HIS C 142 -22.99 21.20 -7.98
N GLY C 143 -23.14 22.29 -8.72
CA GLY C 143 -23.87 23.43 -8.22
C GLY C 143 -23.41 23.89 -6.85
N GLN C 144 -22.14 23.69 -6.51
CA GLN C 144 -21.62 24.11 -5.21
C GLN C 144 -20.78 25.38 -5.29
N ASP C 145 -20.52 26.00 -4.16
CA ASP C 145 -19.76 27.24 -4.19
C ASP C 145 -18.32 27.13 -4.58
N TYR C 146 -17.76 25.93 -4.52
CA TYR C 146 -16.37 25.72 -4.86
C TYR C 146 -16.16 24.66 -5.93
N LEU C 147 -14.99 24.70 -6.57
CA LEU C 147 -14.68 23.76 -7.64
C LEU C 147 -14.51 22.31 -7.19
N VAL C 148 -13.90 22.09 -6.04
CA VAL C 148 -13.66 20.74 -5.57
C VAL C 148 -13.96 20.51 -4.09
N GLY C 149 -14.80 19.51 -3.82
CA GLY C 149 -15.13 19.12 -2.47
C GLY C 149 -15.87 20.11 -1.59
N ASN C 150 -16.63 21.00 -2.22
CA ASN C 150 -17.42 22.01 -1.52
C ASN C 150 -16.67 22.73 -0.40
N LYS C 151 -15.40 23.02 -0.65
CA LYS C 151 -14.53 23.69 0.30
C LYS C 151 -13.49 24.47 -0.50
N LEU C 152 -12.98 25.55 0.07
CA LEU C 152 -12.01 26.35 -0.63
C LEU C 152 -10.76 25.54 -0.79
N SER C 153 -10.17 25.63 -1.99
CA SER C 153 -8.92 24.93 -2.32
C SER C 153 -8.13 25.81 -3.27
N ARG C 154 -6.88 25.45 -3.49
CA ARG C 154 -6.03 26.19 -4.40
C ARG C 154 -6.66 26.26 -5.78
N ALA C 155 -7.60 25.39 -6.11
CA ALA C 155 -8.16 25.45 -7.45
C ALA C 155 -8.96 26.74 -7.63
N ASP C 156 -9.66 27.14 -6.59
CA ASP C 156 -10.46 28.36 -6.62
C ASP C 156 -9.53 29.57 -6.69
N ILE C 157 -8.53 29.63 -5.82
CA ILE C 157 -7.59 30.75 -5.83
C ILE C 157 -6.93 30.90 -7.21
N HIS C 158 -6.34 29.84 -7.75
CA HIS C 158 -5.65 29.89 -9.05
C HIS C 158 -6.60 30.22 -10.18
N LEU C 159 -7.85 29.77 -10.09
CA LEU C 159 -8.77 30.07 -11.18
C LEU C 159 -9.13 31.53 -11.16
N VAL C 160 -9.54 32.03 -9.99
CA VAL C 160 -9.92 33.42 -9.85
C VAL C 160 -8.77 34.32 -10.25
N GLU C 161 -7.56 33.99 -9.84
CA GLU C 161 -6.42 34.80 -10.23
C GLU C 161 -6.38 34.90 -11.75
N LEU C 162 -6.63 33.81 -12.45
CA LEU C 162 -6.62 33.83 -13.90
C LEU C 162 -7.76 34.68 -14.42
N LEU C 163 -8.91 34.64 -13.75
CA LEU C 163 -10.07 35.40 -14.17
C LEU C 163 -9.76 36.89 -14.18
N TYR C 164 -8.93 37.35 -13.26
CA TYR C 164 -8.56 38.75 -13.25
C TYR C 164 -7.72 39.06 -14.46
N TYR C 165 -6.69 38.27 -14.74
CA TYR C 165 -5.82 38.48 -15.90
C TYR C 165 -6.59 38.48 -17.22
N VAL C 166 -7.62 37.65 -17.30
CA VAL C 166 -8.40 37.58 -18.52
C VAL C 166 -9.28 38.83 -18.62
N GLU C 167 -9.66 39.37 -17.48
CA GLU C 167 -10.48 40.57 -17.42
C GLU C 167 -9.65 41.71 -17.99
N GLU C 168 -8.38 41.76 -17.61
CA GLU C 168 -7.45 42.77 -18.09
C GLU C 168 -7.18 42.63 -19.58
N LEU C 169 -7.53 41.49 -20.15
CA LEU C 169 -7.26 41.25 -21.55
C LEU C 169 -8.48 41.58 -22.39
N ASP C 170 -9.65 41.28 -21.85
CA ASP C 170 -10.91 41.52 -22.53
C ASP C 170 -12.03 41.16 -21.57
N SER C 171 -12.66 42.19 -21.02
CA SER C 171 -13.74 42.03 -20.06
C SER C 171 -14.96 41.30 -20.59
N SER C 172 -15.13 41.25 -21.89
CA SER C 172 -16.31 40.60 -22.45
C SER C 172 -16.27 39.07 -22.42
N LEU C 173 -15.07 38.49 -22.35
CA LEU C 173 -14.91 37.04 -22.37
C LEU C 173 -15.70 36.26 -21.33
N ILE C 174 -15.68 36.73 -20.09
CA ILE C 174 -16.37 36.05 -19.00
C ILE C 174 -17.89 36.19 -18.96
N SER C 175 -18.40 37.18 -19.69
CA SER C 175 -19.83 37.49 -19.72
C SER C 175 -20.79 36.34 -19.95
N SER C 176 -20.39 35.38 -20.78
CA SER C 176 -21.24 34.23 -21.10
C SER C 176 -21.10 33.10 -20.08
N PHE C 177 -20.28 33.35 -19.06
CA PHE C 177 -20.03 32.36 -18.03
C PHE C 177 -20.40 32.94 -16.69
N PRO C 178 -21.69 32.89 -16.35
CA PRO C 178 -22.24 33.41 -15.10
C PRO C 178 -21.71 32.75 -13.84
N LEU C 179 -21.55 31.43 -13.86
CA LEU C 179 -21.03 30.72 -12.69
C LEU C 179 -19.58 31.10 -12.40
N LEU C 180 -18.81 31.39 -13.45
CA LEU C 180 -17.44 31.80 -13.24
C LEU C 180 -17.43 33.20 -12.68
N LYS C 181 -18.34 34.05 -13.18
CA LYS C 181 -18.46 35.41 -12.68
C LYS C 181 -18.81 35.34 -11.21
N ALA C 182 -19.75 34.48 -10.87
CA ALA C 182 -20.16 34.31 -9.48
C ALA C 182 -18.99 33.91 -8.61
N LEU C 183 -18.22 32.93 -9.06
CA LEU C 183 -17.07 32.47 -8.29
C LEU C 183 -16.06 33.59 -8.11
N LYS C 184 -15.90 34.42 -9.14
CA LYS C 184 -14.96 35.53 -9.07
C LYS C 184 -15.33 36.47 -7.93
N THR C 185 -16.62 36.80 -7.82
CA THR C 185 -17.13 37.70 -6.78
C THR C 185 -16.98 37.07 -5.41
N ARG C 186 -17.53 35.87 -5.30
CA ARG C 186 -17.50 35.09 -4.08
C ARG C 186 -16.10 34.98 -3.49
N ILE C 187 -15.13 34.49 -4.25
CA ILE C 187 -13.76 34.36 -3.73
C ILE C 187 -13.14 35.72 -3.46
N SER C 188 -13.52 36.72 -4.25
CA SER C 188 -13.00 38.07 -4.08
C SER C 188 -13.47 38.70 -2.78
N ASN C 189 -14.56 38.18 -2.24
CA ASN C 189 -15.09 38.69 -0.98
C ASN C 189 -14.55 38.00 0.25
N LEU C 190 -13.75 36.94 0.08
CA LEU C 190 -13.18 36.27 1.26
C LEU C 190 -12.32 37.32 1.92
N PRO C 191 -12.40 37.46 3.24
CA PRO C 191 -11.58 38.48 3.90
C PRO C 191 -10.11 38.55 3.53
N THR C 192 -9.45 37.39 3.39
CA THR C 192 -8.02 37.35 3.03
C THR C 192 -7.74 37.77 1.59
N VAL C 193 -8.57 37.31 0.68
CA VAL C 193 -8.39 37.65 -0.72
C VAL C 193 -8.69 39.14 -0.90
N LYS C 194 -9.84 39.59 -0.38
CA LYS C 194 -10.27 41.00 -0.44
C LYS C 194 -9.18 41.97 0.03
N LYS C 195 -8.40 41.54 1.00
CA LYS C 195 -7.32 42.36 1.52
C LYS C 195 -6.14 42.41 0.56
N PHE C 196 -5.96 41.33 -0.20
CA PHE C 196 -4.87 41.21 -1.17
C PHE C 196 -5.26 42.08 -2.36
N LEU C 197 -6.55 42.13 -2.68
CA LEU C 197 -7.02 42.94 -3.81
C LEU C 197 -6.94 44.45 -3.58
N GLN C 198 -7.01 44.89 -2.33
CA GLN C 198 -6.93 46.31 -2.00
C GLN C 198 -5.59 46.96 -2.28
N PRO C 199 -5.55 48.30 -2.40
CA PRO C 199 -4.30 49.03 -2.68
C PRO C 199 -3.29 48.80 -1.58
N GLY C 200 -2.01 48.82 -1.95
CA GLY C 200 -0.97 48.62 -0.95
C GLY C 200 -0.58 47.19 -0.60
N SER C 201 -1.34 46.20 -1.06
CA SER C 201 -1.01 44.80 -0.79
C SER C 201 0.14 44.42 -1.70
N PRO C 202 0.76 43.24 -1.45
CA PRO C 202 1.87 42.85 -2.32
C PRO C 202 1.49 42.42 -3.73
N ARG C 203 0.21 42.52 -4.08
CA ARG C 203 -0.24 42.16 -5.42
C ARG C 203 0.55 43.01 -6.38
N LYS C 204 0.90 42.45 -7.53
CA LYS C 204 1.73 43.16 -8.50
C LYS C 204 0.92 43.61 -9.68
N PRO C 205 1.36 44.68 -10.34
CA PRO C 205 0.69 45.26 -11.50
C PRO C 205 1.04 44.54 -12.78
N PRO C 206 0.21 44.70 -13.82
CA PRO C 206 0.52 44.03 -15.08
C PRO C 206 1.81 44.62 -15.56
N MET C 207 2.62 43.81 -16.23
CA MET C 207 3.91 44.26 -16.73
C MET C 207 3.79 45.20 -17.94
N ASP C 208 4.71 46.17 -18.03
CA ASP C 208 4.72 47.15 -19.11
C ASP C 208 6.05 47.04 -19.83
N GLU C 209 6.36 48.04 -20.63
CA GLU C 209 7.60 48.04 -21.39
C GLU C 209 8.79 48.37 -20.51
N LYS C 210 8.66 49.36 -19.64
CA LYS C 210 9.76 49.76 -18.78
C LYS C 210 10.35 48.63 -17.94
N SER C 211 9.48 47.93 -17.22
CA SER C 211 9.90 46.85 -16.34
C SER C 211 10.40 45.63 -17.09
N LEU C 212 9.82 45.37 -18.27
CA LEU C 212 10.21 44.21 -19.09
C LEU C 212 11.64 44.34 -19.56
N GLU C 213 12.05 45.58 -19.80
CA GLU C 213 13.39 45.85 -20.27
C GLU C 213 14.39 45.61 -19.15
N GLU C 214 14.04 46.07 -17.95
CA GLU C 214 14.88 45.91 -16.77
C GLU C 214 15.07 44.41 -16.44
N ALA C 215 13.98 43.64 -16.54
CA ALA C 215 13.97 42.21 -16.26
C ALA C 215 14.79 41.39 -17.25
N ARG C 216 14.46 41.45 -18.54
CA ARG C 216 15.21 40.69 -19.55
C ARG C 216 16.69 41.05 -19.55
N LYS C 217 17.02 42.13 -18.86
CA LYS C 217 18.41 42.58 -18.72
C LYS C 217 19.07 41.63 -17.71
N ILE C 218 18.55 41.68 -16.48
CA ILE C 218 19.05 40.87 -15.36
C ILE C 218 18.99 39.36 -15.63
N PHE C 219 17.80 38.88 -16.00
CA PHE C 219 17.58 37.47 -16.26
C PHE C 219 18.07 37.06 -17.62
N ARG C 220 18.15 38.01 -18.55
CA ARG C 220 18.60 37.75 -19.91
C ARG C 220 17.66 36.80 -20.64
N PHE C 221 16.70 37.38 -21.35
CA PHE C 221 15.73 36.61 -22.12
C PHE C 221 15.05 37.51 -23.16
N ALA D 1 -12.76 -1.38 -16.73
CA ALA D 1 -11.86 -2.52 -16.34
C ALA D 1 -11.04 -2.18 -15.09
N GLU D 2 -10.19 -3.13 -14.68
CA GLU D 2 -9.33 -2.94 -13.52
C GLU D 2 -7.94 -2.49 -13.92
N LYS D 3 -7.66 -2.50 -15.23
CA LYS D 3 -6.36 -2.07 -15.72
C LYS D 3 -6.50 -0.69 -16.32
N PRO D 4 -5.53 0.17 -16.06
CA PRO D 4 -5.49 1.55 -16.55
C PRO D 4 -5.36 1.54 -18.08
N LYS D 5 -6.19 2.31 -18.76
CA LYS D 5 -6.16 2.41 -20.21
C LYS D 5 -5.50 3.73 -20.55
N LEU D 6 -4.36 3.71 -21.22
CA LEU D 6 -3.68 4.94 -21.59
C LEU D 6 -4.06 5.31 -23.01
N HIS D 7 -4.65 6.48 -23.23
CA HIS D 7 -5.02 6.90 -24.58
C HIS D 7 -4.02 7.89 -25.14
N TYR D 8 -3.33 7.50 -26.20
CA TYR D 8 -2.36 8.39 -26.83
C TYR D 8 -1.98 7.87 -28.21
N PHE D 9 -1.06 8.57 -28.85
CA PHE D 9 -0.55 8.21 -30.15
C PHE D 9 0.46 7.10 -29.87
N ASN D 10 0.77 6.28 -30.85
CA ASN D 10 1.73 5.21 -30.61
C ASN D 10 3.11 5.82 -30.67
N ALA D 11 3.48 6.53 -29.62
CA ALA D 11 4.78 7.16 -29.57
C ALA D 11 5.18 7.59 -28.17
N ARG D 12 6.43 8.03 -28.05
CA ARG D 12 6.98 8.50 -26.79
C ARG D 12 6.11 9.69 -26.37
N GLY D 13 6.33 10.84 -27.02
CA GLY D 13 5.55 12.02 -26.73
C GLY D 13 5.43 12.37 -25.26
N ARG D 14 4.21 12.77 -24.87
CA ARG D 14 3.90 13.18 -23.50
C ARG D 14 3.43 12.07 -22.56
N MET D 15 3.25 10.86 -23.10
CA MET D 15 2.78 9.73 -22.31
C MET D 15 3.90 8.81 -21.83
N GLU D 16 5.09 8.91 -22.40
CA GLU D 16 6.17 8.02 -22.01
C GLU D 16 6.49 7.96 -20.53
N SER D 17 6.62 9.09 -19.86
CA SER D 17 6.95 9.07 -18.43
C SER D 17 5.88 8.38 -17.60
N THR D 18 4.64 8.39 -18.07
CA THR D 18 3.57 7.71 -17.34
C THR D 18 3.83 6.22 -17.49
N ARG D 19 4.27 5.82 -18.68
CA ARG D 19 4.58 4.42 -18.94
C ARG D 19 5.72 3.97 -18.05
N TRP D 20 6.76 4.77 -17.92
CA TRP D 20 7.86 4.35 -17.08
C TRP D 20 7.45 4.24 -15.62
N LEU D 21 6.54 5.09 -15.17
CA LEU D 21 6.13 5.06 -13.76
C LEU D 21 5.25 3.87 -13.45
N LEU D 22 4.25 3.61 -14.30
CA LEU D 22 3.36 2.48 -14.09
C LEU D 22 4.17 1.20 -14.07
N ALA D 23 5.02 1.00 -15.08
CA ALA D 23 5.88 -0.18 -15.18
C ALA D 23 6.80 -0.30 -14.00
N ALA D 24 7.48 0.77 -13.63
CA ALA D 24 8.38 0.72 -12.49
C ALA D 24 7.56 0.38 -11.25
N ALA D 25 6.28 0.73 -11.24
CA ALA D 25 5.44 0.44 -10.10
C ALA D 25 4.96 -0.99 -10.15
N GLY D 26 5.11 -1.63 -11.30
CA GLY D 26 4.69 -3.01 -11.45
C GLY D 26 3.23 -3.15 -11.81
N VAL D 27 2.65 -2.11 -12.39
CA VAL D 27 1.25 -2.10 -12.75
C VAL D 27 1.09 -2.44 -14.23
N GLU D 28 0.15 -3.30 -14.55
CA GLU D 28 -0.09 -3.66 -15.94
C GLU D 28 -1.09 -2.68 -16.50
N PHE D 29 -0.89 -2.24 -17.74
CA PHE D 29 -1.82 -1.30 -18.33
C PHE D 29 -2.13 -1.62 -19.78
N GLU D 30 -3.26 -1.12 -20.25
CA GLU D 30 -3.68 -1.29 -21.63
C GLU D 30 -3.43 0.02 -22.33
N GLU D 31 -3.18 -0.04 -23.64
CA GLU D 31 -2.94 1.15 -24.42
C GLU D 31 -3.92 1.22 -25.56
N LYS D 32 -4.68 2.29 -25.65
CA LYS D 32 -5.63 2.46 -26.73
C LYS D 32 -5.11 3.55 -27.64
N PHE D 33 -4.33 3.14 -28.64
CA PHE D 33 -3.70 4.05 -29.59
C PHE D 33 -4.64 4.86 -30.45
N ILE D 34 -4.22 6.09 -30.73
CA ILE D 34 -4.99 6.99 -31.56
C ILE D 34 -4.35 6.90 -32.93
N LYS D 35 -5.02 6.18 -33.83
CA LYS D 35 -4.54 5.98 -35.19
C LYS D 35 -4.84 7.13 -36.12
N SER D 36 -5.97 7.79 -35.93
CA SER D 36 -6.37 8.89 -36.80
C SER D 36 -7.12 10.01 -36.09
N ALA D 37 -7.21 11.16 -36.74
CA ALA D 37 -7.92 12.30 -36.19
C ALA D 37 -9.37 11.94 -35.91
N GLU D 38 -9.91 10.94 -36.62
CA GLU D 38 -11.28 10.54 -36.37
C GLU D 38 -11.36 9.99 -34.96
N ASP D 39 -10.31 9.27 -34.55
CA ASP D 39 -10.25 8.69 -33.22
C ASP D 39 -10.24 9.77 -32.15
N LEU D 40 -9.38 10.76 -32.35
CA LEU D 40 -9.25 11.88 -31.41
C LEU D 40 -10.54 12.70 -31.28
N ASP D 41 -11.29 12.79 -32.38
CA ASP D 41 -12.54 13.53 -32.37
C ASP D 41 -13.60 12.72 -31.63
N LYS D 42 -13.57 11.41 -31.82
CA LYS D 42 -14.51 10.53 -31.15
C LYS D 42 -14.42 10.73 -29.64
N LEU D 43 -13.19 10.79 -29.12
CA LEU D 43 -12.93 11.00 -27.69
C LEU D 43 -13.47 12.35 -27.25
N ARG D 44 -13.09 13.40 -27.99
CA ARG D 44 -13.51 14.77 -27.70
C ARG D 44 -15.02 14.84 -27.65
N ASN D 45 -15.67 14.27 -28.66
CA ASN D 45 -17.12 14.30 -28.73
C ASN D 45 -17.77 13.43 -27.67
N ASP D 46 -17.06 12.38 -27.25
CA ASP D 46 -17.58 11.49 -26.22
C ASP D 46 -17.48 12.15 -24.87
N GLY D 47 -16.69 13.22 -24.80
CA GLY D 47 -16.50 13.95 -23.57
C GLY D 47 -15.51 13.32 -22.61
N TYR D 48 -14.49 12.67 -23.13
CA TYR D 48 -13.49 12.02 -22.30
C TYR D 48 -12.30 12.89 -22.01
N LEU D 49 -12.17 13.98 -22.76
CA LEU D 49 -11.05 14.90 -22.61
C LEU D 49 -11.51 16.27 -22.12
N MET D 50 -11.26 16.59 -20.84
CA MET D 50 -11.69 17.87 -20.29
C MET D 50 -11.22 19.09 -21.06
N PHE D 51 -9.96 19.10 -21.46
CA PHE D 51 -9.41 20.22 -22.20
C PHE D 51 -9.16 19.92 -23.65
N GLN D 52 -9.91 18.96 -24.18
CA GLN D 52 -9.84 18.56 -25.58
C GLN D 52 -8.58 17.84 -26.02
N GLN D 53 -7.62 17.65 -25.13
CA GLN D 53 -6.35 17.02 -25.51
C GLN D 53 -6.07 15.70 -24.82
N VAL D 54 -4.97 15.07 -25.24
CA VAL D 54 -4.48 13.83 -24.66
C VAL D 54 -3.05 14.18 -24.26
N PRO D 55 -2.36 13.35 -23.47
CA PRO D 55 -2.73 12.08 -22.86
C PRO D 55 -3.98 12.13 -22.01
N MET D 56 -4.61 10.99 -21.88
CA MET D 56 -5.79 10.82 -21.06
C MET D 56 -5.54 9.46 -20.45
N VAL D 57 -5.94 9.23 -19.20
CA VAL D 57 -5.67 7.95 -18.58
C VAL D 57 -6.80 7.52 -17.71
N GLU D 58 -7.57 6.54 -18.18
CA GLU D 58 -8.69 6.01 -17.41
C GLU D 58 -8.08 5.18 -16.30
N ILE D 59 -8.24 5.65 -15.07
CA ILE D 59 -7.74 4.94 -13.90
C ILE D 59 -8.65 5.24 -12.73
N ASP D 60 -8.97 4.20 -11.97
CA ASP D 60 -9.82 4.29 -10.80
C ASP D 60 -11.14 5.02 -11.04
N GLY D 61 -11.70 4.84 -12.22
CA GLY D 61 -12.99 5.45 -12.53
C GLY D 61 -12.95 6.89 -12.98
N MET D 62 -11.75 7.46 -13.02
CA MET D 62 -11.57 8.84 -13.45
C MET D 62 -10.96 8.89 -14.84
N LYS D 63 -11.24 9.97 -15.56
CA LYS D 63 -10.66 10.19 -16.88
C LYS D 63 -9.74 11.40 -16.69
N LEU D 64 -8.53 11.11 -16.25
CA LEU D 64 -7.52 12.12 -15.96
C LEU D 64 -6.82 12.65 -17.19
N VAL D 65 -6.67 13.97 -17.27
CA VAL D 65 -5.94 14.59 -18.38
C VAL D 65 -4.88 15.45 -17.73
N GLN D 66 -3.98 15.97 -18.52
CA GLN D 66 -2.87 16.78 -18.03
C GLN D 66 -1.83 15.82 -17.42
N THR D 67 -0.68 15.71 -18.06
CA THR D 67 0.41 14.85 -17.62
C THR D 67 0.71 14.86 -16.14
N ARG D 68 0.90 16.04 -15.55
CA ARG D 68 1.21 16.12 -14.12
C ARG D 68 0.09 15.68 -13.19
N ALA D 69 -1.16 15.79 -13.62
CA ALA D 69 -2.22 15.35 -12.75
C ALA D 69 -2.18 13.83 -12.71
N ILE D 70 -1.90 13.22 -13.87
CA ILE D 70 -1.81 11.76 -14.04
C ILE D 70 -0.65 11.23 -13.21
N LEU D 71 0.55 11.74 -13.45
CA LEU D 71 1.74 11.29 -12.72
C LEU D 71 1.62 11.45 -11.23
N ASN D 72 0.93 12.49 -10.79
CA ASN D 72 0.77 12.76 -9.36
C ASN D 72 -0.10 11.73 -8.71
N TYR D 73 -1.19 11.37 -9.38
CA TYR D 73 -2.11 10.38 -8.85
C TYR D 73 -1.39 9.04 -8.74
N ILE D 74 -0.83 8.57 -9.87
CA ILE D 74 -0.10 7.31 -9.91
C ILE D 74 0.97 7.30 -8.83
N ALA D 75 1.87 8.27 -8.84
CA ALA D 75 2.92 8.31 -7.83
C ALA D 75 2.40 8.21 -6.39
N SER D 76 1.25 8.81 -6.12
CA SER D 76 0.70 8.78 -4.78
C SER D 76 0.13 7.42 -4.49
N LYS D 77 -0.71 6.96 -5.41
CA LYS D 77 -1.36 5.68 -5.25
C LYS D 77 -0.42 4.51 -5.01
N TYR D 78 0.79 4.55 -5.57
CA TYR D 78 1.72 3.45 -5.41
C TYR D 78 2.90 3.77 -4.52
N ASN D 79 2.69 4.65 -3.56
CA ASN D 79 3.73 5.01 -2.60
C ASN D 79 5.09 5.41 -3.14
N LEU D 80 5.09 6.09 -4.28
CA LEU D 80 6.32 6.56 -4.90
C LEU D 80 6.48 8.08 -4.76
N TYR D 81 5.71 8.69 -3.87
CA TYR D 81 5.78 10.14 -3.70
C TYR D 81 6.33 10.60 -2.37
N GLY D 82 7.24 9.84 -1.76
CA GLY D 82 7.81 10.24 -0.48
C GLY D 82 6.92 9.97 0.71
N LYS D 83 7.43 10.09 1.93
CA LYS D 83 6.63 9.80 3.10
C LYS D 83 5.83 10.99 3.62
N ASP D 84 6.45 12.16 3.67
CA ASP D 84 5.75 13.32 4.16
C ASP D 84 5.77 14.50 3.18
N ILE D 85 5.19 15.60 3.63
CA ILE D 85 5.06 16.85 2.90
C ILE D 85 6.43 17.46 2.58
N LYS D 86 7.40 17.27 3.46
CA LYS D 86 8.71 17.84 3.21
C LYS D 86 9.50 17.02 2.21
N GLU D 87 9.22 15.73 2.13
CA GLU D 87 9.90 14.86 1.18
C GLU D 87 9.33 15.15 -0.20
N ARG D 88 8.02 15.32 -0.27
N ARG D 88 8.02 15.33 -0.26
CA ARG D 88 7.35 15.63 -1.52
CA ARG D 88 7.32 15.62 -1.50
C ARG D 88 7.83 16.95 -2.12
C ARG D 88 7.79 16.95 -2.11
N ALA D 89 8.38 17.81 -1.27
CA ALA D 89 8.88 19.12 -1.70
C ALA D 89 10.19 18.96 -2.42
N LEU D 90 11.02 18.03 -1.93
CA LEU D 90 12.32 17.78 -2.57
C LEU D 90 12.11 17.02 -3.88
N ILE D 91 11.19 16.07 -3.86
CA ILE D 91 10.86 15.30 -5.04
C ILE D 91 10.36 16.26 -6.10
N ASP D 92 9.34 17.06 -5.79
CA ASP D 92 8.80 18.04 -6.73
C ASP D 92 9.83 18.99 -7.30
N MET D 93 10.76 19.41 -6.46
CA MET D 93 11.81 20.33 -6.90
C MET D 93 12.77 19.67 -7.88
N TYR D 94 13.06 18.38 -7.65
CA TYR D 94 13.95 17.60 -8.50
C TYR D 94 13.29 17.23 -9.81
N ILE D 95 12.07 16.71 -9.74
CA ILE D 95 11.39 16.29 -10.94
C ILE D 95 10.88 17.40 -11.84
N GLU D 96 10.77 18.63 -11.33
CA GLU D 96 10.34 19.74 -12.16
C GLU D 96 11.57 20.25 -12.91
N GLY D 97 12.74 20.05 -12.31
CA GLY D 97 13.96 20.43 -13.01
C GLY D 97 14.19 19.43 -14.12
N ILE D 98 13.90 18.17 -13.81
CA ILE D 98 14.03 17.08 -14.76
C ILE D 98 13.02 17.33 -15.85
N ALA D 99 11.81 17.71 -15.50
CA ALA D 99 10.81 17.97 -16.54
C ALA D 99 11.19 19.16 -17.42
N ASP D 100 11.93 20.12 -16.90
CA ASP D 100 12.31 21.25 -17.72
C ASP D 100 13.29 20.80 -18.79
N LEU D 101 14.38 20.18 -18.36
CA LEU D 101 15.40 19.69 -19.27
C LEU D 101 14.77 18.76 -20.27
N GLY D 102 13.88 17.91 -19.77
CA GLY D 102 13.22 16.97 -20.63
C GLY D 102 12.32 17.57 -21.69
N GLU D 103 11.74 18.74 -21.41
CA GLU D 103 10.85 19.40 -22.37
C GLU D 103 11.66 19.94 -23.53
N MET D 104 12.93 20.27 -23.26
CA MET D 104 13.79 20.78 -24.31
C MET D 104 14.15 19.65 -25.28
N ILE D 105 14.57 18.53 -24.70
CA ILE D 105 14.94 17.36 -25.47
C ILE D 105 13.73 16.86 -26.28
N LEU D 106 12.54 16.95 -25.70
CA LEU D 106 11.33 16.48 -26.36
C LEU D 106 10.97 17.26 -27.62
N LEU D 107 11.20 18.56 -27.59
CA LEU D 107 10.84 19.40 -28.71
C LEU D 107 11.89 19.51 -29.80
N LEU D 108 13.09 19.00 -29.51
CA LEU D 108 14.20 19.03 -30.45
C LEU D 108 13.83 18.57 -31.86
N PRO D 109 13.03 17.50 -31.99
CA PRO D 109 12.64 17.00 -33.31
C PRO D 109 11.87 18.02 -34.15
N VAL D 110 11.02 18.79 -33.51
CA VAL D 110 10.22 19.78 -34.22
C VAL D 110 10.88 21.16 -34.20
N CYS D 111 12.18 21.18 -33.92
CA CYS D 111 12.91 22.44 -33.89
C CYS D 111 13.31 22.89 -35.31
N PRO D 112 13.21 24.22 -35.60
CA PRO D 112 13.57 24.80 -36.91
C PRO D 112 15.02 24.48 -37.24
N PRO D 113 15.25 23.81 -38.38
CA PRO D 113 16.54 23.36 -38.94
C PRO D 113 17.72 24.30 -38.77
N GLU D 114 17.45 25.60 -38.86
CA GLU D 114 18.52 26.60 -38.71
C GLU D 114 18.92 26.67 -37.23
N GLU D 115 17.96 26.40 -36.36
CA GLU D 115 18.18 26.41 -34.92
C GLU D 115 18.74 25.12 -34.34
N LYS D 116 18.27 23.99 -34.87
CA LYS D 116 18.68 22.67 -34.39
C LYS D 116 20.10 22.50 -33.86
N ASP D 117 21.09 23.16 -34.44
CA ASP D 117 22.44 22.99 -33.93
C ASP D 117 22.71 23.79 -32.67
N ALA D 118 22.02 24.92 -32.53
CA ALA D 118 22.14 25.80 -31.36
C ALA D 118 21.32 25.30 -30.20
N LYS D 119 20.12 24.80 -30.47
CA LYS D 119 19.24 24.29 -29.43
C LYS D 119 19.96 23.08 -28.84
N LEU D 120 20.49 22.24 -29.72
CA LEU D 120 21.19 21.04 -29.31
C LEU D 120 22.44 21.36 -28.51
N ALA D 121 23.05 22.50 -28.81
CA ALA D 121 24.26 22.92 -28.11
C ALA D 121 23.92 23.58 -26.80
N LEU D 122 22.72 24.15 -26.75
CA LEU D 122 22.23 24.82 -25.56
C LEU D 122 21.93 23.74 -24.54
N ILE D 123 21.20 22.72 -25.02
CA ILE D 123 20.80 21.58 -24.22
C ILE D 123 22.00 20.83 -23.66
N LYS D 124 23.07 20.68 -24.43
CA LYS D 124 24.23 19.98 -23.93
C LYS D 124 24.96 20.81 -22.88
N GLU D 125 24.81 22.12 -22.95
CA GLU D 125 25.46 23.01 -21.99
C GLU D 125 24.70 23.05 -20.66
N LYS D 126 23.38 22.92 -20.73
CA LYS D 126 22.56 22.92 -19.53
C LYS D 126 22.74 21.61 -18.80
N ILE D 127 22.87 20.52 -19.56
CA ILE D 127 23.06 19.19 -18.97
C ILE D 127 24.38 19.11 -18.25
N LYS D 128 25.44 19.51 -18.93
CA LYS D 128 26.77 19.45 -18.37
C LYS D 128 27.01 20.43 -17.24
N ASN D 129 26.53 21.66 -17.40
CA ASN D 129 26.78 22.69 -16.40
C ASN D 129 25.71 22.99 -15.36
N ARG D 130 24.46 22.60 -15.60
CA ARG D 130 23.39 22.90 -14.66
C ARG D 130 22.64 21.75 -13.97
N TYR D 131 22.05 20.84 -14.75
CA TYR D 131 21.29 19.73 -14.18
C TYR D 131 22.05 18.52 -13.69
N PHE D 132 22.94 17.95 -14.49
CA PHE D 132 23.67 16.78 -14.03
C PHE D 132 24.50 17.11 -12.79
N PRO D 133 25.14 18.27 -12.78
CA PRO D 133 25.95 18.63 -11.61
C PRO D 133 25.07 18.68 -10.36
N ALA D 134 23.89 19.27 -10.50
CA ALA D 134 22.95 19.42 -9.39
C ALA D 134 22.52 18.12 -8.80
N PHE D 135 22.19 17.15 -9.65
CA PHE D 135 21.76 15.84 -9.19
C PHE D 135 22.92 15.00 -8.67
N GLU D 136 24.10 15.17 -9.26
CA GLU D 136 25.26 14.44 -8.81
C GLU D 136 25.55 14.90 -7.40
N LYS D 137 25.39 16.21 -7.19
CA LYS D 137 25.64 16.83 -5.90
C LYS D 137 24.68 16.33 -4.82
N VAL D 138 23.45 16.02 -5.18
CA VAL D 138 22.47 15.52 -4.22
C VAL D 138 22.87 14.11 -3.79
N LEU D 139 23.24 13.27 -4.77
CA LEU D 139 23.64 11.91 -4.48
C LEU D 139 24.93 11.89 -3.67
N LYS D 140 25.83 12.81 -3.98
CA LYS D 140 27.09 12.89 -3.29
C LYS D 140 26.93 13.34 -1.86
N SER D 141 25.87 14.09 -1.59
CA SER D 141 25.62 14.61 -0.27
C SER D 141 25.17 13.59 0.76
N HIS D 142 24.11 12.85 0.46
CA HIS D 142 23.66 11.85 1.41
C HIS D 142 24.29 10.48 1.20
N GLY D 143 25.02 10.33 0.09
CA GLY D 143 25.67 9.08 -0.21
C GLY D 143 24.76 7.88 -0.12
N GLN D 144 23.47 8.05 -0.40
CA GLN D 144 22.53 6.93 -0.34
C GLN D 144 22.15 6.42 -1.72
N ASP D 145 21.54 5.25 -1.79
CA ASP D 145 21.20 4.69 -3.08
C ASP D 145 20.11 5.39 -3.84
N TYR D 146 19.34 6.22 -3.15
CA TYR D 146 18.24 6.94 -3.80
C TYR D 146 18.30 8.44 -3.59
N LEU D 147 17.62 9.18 -4.45
CA LEU D 147 17.62 10.64 -4.39
C LEU D 147 16.94 11.23 -3.16
N VAL D 148 15.83 10.63 -2.74
CA VAL D 148 15.09 11.16 -1.60
C VAL D 148 14.60 10.12 -0.60
N GLY D 149 14.97 10.33 0.66
CA GLY D 149 14.54 9.47 1.75
C GLY D 149 15.00 8.03 1.74
N ASN D 150 16.15 7.78 1.13
CA ASN D 150 16.74 6.43 1.06
C ASN D 150 15.75 5.34 0.68
N LYS D 151 14.84 5.65 -0.23
CA LYS D 151 13.83 4.73 -0.69
C LYS D 151 13.47 5.10 -2.13
N LEU D 152 13.02 4.14 -2.91
CA LEU D 152 12.71 4.41 -4.29
C LEU D 152 11.53 5.32 -4.33
N SER D 153 11.59 6.31 -5.22
CA SER D 153 10.52 7.28 -5.42
C SER D 153 10.48 7.65 -6.89
N ARG D 154 9.43 8.34 -7.30
CA ARG D 154 9.29 8.78 -8.68
C ARG D 154 10.49 9.64 -9.08
N ALA D 155 11.24 10.18 -8.15
CA ALA D 155 12.36 11.02 -8.56
C ALA D 155 13.41 10.19 -9.26
N ASP D 156 13.64 8.98 -8.75
CA ASP D 156 14.62 8.06 -9.32
C ASP D 156 14.14 7.59 -10.70
N ILE D 157 12.89 7.14 -10.79
CA ILE D 157 12.35 6.69 -12.08
C ILE D 157 12.46 7.80 -13.14
N HIS D 158 11.95 9.00 -12.85
CA HIS D 158 11.98 10.11 -13.82
C HIS D 158 13.39 10.53 -14.16
N LEU D 159 14.31 10.44 -13.21
CA LEU D 159 15.67 10.87 -13.52
C LEU D 159 16.31 9.87 -14.45
N VAL D 160 16.23 8.59 -14.10
CA VAL D 160 16.82 7.53 -14.90
C VAL D 160 16.23 7.56 -16.30
N GLU D 161 14.93 7.74 -16.42
CA GLU D 161 14.32 7.82 -17.74
C GLU D 161 15.01 8.91 -18.54
N LEU D 162 15.29 10.05 -17.92
CA LEU D 162 15.95 11.13 -18.63
C LEU D 162 17.38 10.73 -18.99
N LEU D 163 18.04 9.97 -18.11
CA LEU D 163 19.41 9.54 -18.35
C LEU D 163 19.50 8.72 -19.63
N TYR D 164 18.46 7.95 -19.93
CA TYR D 164 18.47 7.17 -21.15
C TYR D 164 18.38 8.09 -22.34
N TYR D 165 17.44 9.03 -22.33
CA TYR D 165 17.29 9.98 -23.44
C TYR D 165 18.55 10.79 -23.70
N VAL D 166 19.28 11.12 -22.65
CA VAL D 166 20.50 11.90 -22.79
C VAL D 166 21.57 11.01 -23.39
N GLU D 167 21.51 9.72 -23.09
CA GLU D 167 22.46 8.74 -23.59
C GLU D 167 22.28 8.67 -25.10
N GLU D 168 21.03 8.67 -25.55
CA GLU D 168 20.68 8.63 -26.96
C GLU D 168 21.11 9.89 -27.68
N LEU D 169 21.41 10.94 -26.93
CA LEU D 169 21.77 12.21 -27.51
C LEU D 169 23.27 12.34 -27.60
N ASP D 170 23.96 11.85 -26.58
CA ASP D 170 25.41 11.91 -26.50
C ASP D 170 25.84 11.13 -25.27
N SER D 171 26.36 9.94 -25.51
CA SER D 171 26.81 9.06 -24.44
C SER D 171 27.93 9.60 -23.58
N SER D 172 28.67 10.58 -24.08
CA SER D 172 29.77 11.13 -23.30
C SER D 172 29.37 12.04 -22.15
N LEU D 173 28.18 12.64 -22.24
CA LEU D 173 27.71 13.57 -21.22
C LEU D 173 27.72 13.08 -19.77
N ILE D 174 27.25 11.85 -19.55
CA ILE D 174 27.17 11.29 -18.21
C ILE D 174 28.49 10.81 -17.61
N SER D 175 29.50 10.64 -18.47
CA SER D 175 30.80 10.12 -18.06
C SER D 175 31.47 10.78 -16.86
N SER D 176 31.28 12.08 -16.70
CA SER D 176 31.89 12.82 -15.59
C SER D 176 31.03 12.77 -14.33
N PHE D 177 29.92 12.05 -14.41
CA PHE D 177 29.00 11.95 -13.30
C PHE D 177 28.83 10.48 -12.94
N PRO D 178 29.78 9.95 -12.16
CA PRO D 178 29.78 8.56 -11.71
C PRO D 178 28.59 8.14 -10.87
N LEU D 179 28.16 9.00 -9.95
CA LEU D 179 27.01 8.67 -9.11
C LEU D 179 25.73 8.57 -9.93
N LEU D 180 25.62 9.37 -10.98
CA LEU D 180 24.44 9.29 -11.82
C LEU D 180 24.51 8.00 -12.62
N LYS D 181 25.71 7.65 -13.07
CA LYS D 181 25.91 6.41 -13.82
C LYS D 181 25.51 5.26 -12.92
N ALA D 182 25.96 5.31 -11.68
CA ALA D 182 25.63 4.27 -10.72
C ALA D 182 24.13 4.13 -10.54
N LEU D 183 23.44 5.25 -10.36
CA LEU D 183 22.00 5.24 -10.17
C LEU D 183 21.32 4.64 -11.41
N LYS D 184 21.84 4.96 -12.58
CA LYS D 184 21.27 4.45 -13.82
C LYS D 184 21.28 2.93 -13.83
N THR D 185 22.41 2.34 -13.45
CA THR D 185 22.58 0.88 -13.40
C THR D 185 21.67 0.26 -12.36
N ARG D 186 21.81 0.79 -11.14
CA ARG D 186 21.05 0.35 -10.00
C ARG D 186 19.55 0.31 -10.28
N ILE D 187 18.96 1.42 -10.71
CA ILE D 187 17.51 1.42 -10.99
C ILE D 187 17.17 0.54 -12.18
N SER D 188 18.09 0.43 -13.13
CA SER D 188 17.89 -0.39 -14.31
C SER D 188 17.84 -1.87 -13.97
N ASN D 189 18.40 -2.23 -12.82
CA ASN D 189 18.40 -3.61 -12.38
C ASN D 189 17.21 -3.99 -11.52
N LEU D 190 16.35 -3.03 -11.16
CA LEU D 190 15.17 -3.36 -10.37
C LEU D 190 14.37 -4.30 -11.25
N PRO D 191 13.86 -5.40 -10.71
CA PRO D 191 13.09 -6.33 -11.54
C PRO D 191 12.02 -5.74 -12.44
N THR D 192 11.25 -4.77 -11.93
CA THR D 192 10.17 -4.13 -12.72
C THR D 192 10.70 -3.23 -13.83
N VAL D 193 11.73 -2.45 -13.54
CA VAL D 193 12.30 -1.57 -14.53
C VAL D 193 12.97 -2.42 -15.61
N LYS D 194 13.82 -3.36 -15.18
CA LYS D 194 14.56 -4.28 -16.07
C LYS D 194 13.63 -4.97 -17.08
N LYS D 195 12.41 -5.25 -16.67
CA LYS D 195 11.46 -5.89 -17.54
C LYS D 195 10.89 -4.91 -18.57
N PHE D 196 10.83 -3.63 -18.19
CA PHE D 196 10.32 -2.57 -19.05
C PHE D 196 11.41 -2.30 -20.09
N LEU D 197 12.67 -2.39 -19.68
CA LEU D 197 13.78 -2.15 -20.60
C LEU D 197 13.96 -3.23 -21.68
N GLN D 198 13.55 -4.45 -21.39
CA GLN D 198 13.66 -5.55 -22.35
C GLN D 198 12.79 -5.41 -23.58
N PRO D 199 13.13 -6.14 -24.68
CA PRO D 199 12.35 -6.08 -25.92
C PRO D 199 10.93 -6.52 -25.71
N GLY D 200 10.00 -5.95 -26.48
CA GLY D 200 8.61 -6.33 -26.34
C GLY D 200 7.79 -5.62 -25.27
N SER D 201 8.42 -4.85 -24.39
CA SER D 201 7.69 -4.13 -23.36
C SER D 201 7.02 -2.93 -24.00
N PRO D 202 6.11 -2.26 -23.29
CA PRO D 202 5.46 -1.09 -23.92
C PRO D 202 6.34 0.14 -24.07
N ARG D 203 7.62 0.05 -23.72
CA ARG D 203 8.53 1.16 -23.87
C ARG D 203 8.51 1.57 -25.32
N LYS D 204 8.59 2.86 -25.60
CA LYS D 204 8.50 3.34 -26.97
C LYS D 204 9.85 3.76 -27.50
N PRO D 205 10.02 3.71 -28.82
CA PRO D 205 11.26 4.08 -29.50
C PRO D 205 11.39 5.57 -29.70
N PRO D 206 12.62 6.05 -29.93
CA PRO D 206 12.78 7.49 -30.15
C PRO D 206 12.03 7.81 -31.42
N MET D 207 11.44 9.00 -31.48
CA MET D 207 10.69 9.41 -32.66
C MET D 207 11.57 9.71 -33.88
N ASP D 208 11.04 9.40 -35.06
CA ASP D 208 11.77 9.63 -36.31
C ASP D 208 10.93 10.57 -37.18
N GLU D 209 11.28 10.63 -38.46
CA GLU D 209 10.56 11.49 -39.38
C GLU D 209 9.20 10.91 -39.76
N LYS D 210 9.16 9.63 -40.04
CA LYS D 210 7.91 9.00 -40.45
C LYS D 210 6.75 9.18 -39.47
N SER D 211 7.00 8.85 -38.21
CA SER D 211 5.98 8.95 -37.18
C SER D 211 5.62 10.40 -36.83
N LEU D 212 6.59 11.30 -36.92
CA LEU D 212 6.37 12.71 -36.60
C LEU D 212 5.39 13.33 -37.58
N GLU D 213 5.44 12.87 -38.82
CA GLU D 213 4.57 13.38 -39.85
C GLU D 213 3.14 12.91 -39.60
N GLU D 214 3.00 11.64 -39.23
CA GLU D 214 1.70 11.06 -38.94
C GLU D 214 1.03 11.76 -37.75
N ALA D 215 1.84 12.05 -36.71
CA ALA D 215 1.38 12.71 -35.50
C ALA D 215 0.93 14.15 -35.71
N ARG D 216 1.82 15.01 -36.21
CA ARG D 216 1.48 16.41 -36.44
C ARG D 216 0.29 16.56 -37.40
N LYS D 217 -0.06 15.44 -38.04
CA LYS D 217 -1.20 15.40 -38.94
C LYS D 217 -2.46 15.37 -38.07
N ILE D 218 -2.58 14.29 -37.29
CA ILE D 218 -3.70 14.06 -36.38
C ILE D 218 -3.88 15.18 -35.34
N PHE D 219 -2.81 15.47 -34.61
CA PHE D 219 -2.83 16.46 -33.56
C PHE D 219 -2.72 17.87 -34.10
N ARG D 220 -2.13 18.00 -35.30
CA ARG D 220 -1.95 19.30 -35.95
C ARG D 220 -1.03 20.20 -35.14
N PHE D 221 0.26 20.15 -35.47
CA PHE D 221 1.27 20.98 -34.80
C PHE D 221 2.53 21.04 -35.65
#